data_6S73
#
_entry.id   6S73
#
_cell.length_a   49.420
_cell.length_b   169.082
_cell.length_c   83.730
_cell.angle_alpha   90.000
_cell.angle_beta   92.810
_cell.angle_gamma   90.000
#
_symmetry.space_group_name_H-M   'P 1 21 1'
#
loop_
_entity.id
_entity.type
_entity.pdbx_description
1 polymer 'Serine/threonine-protein kinase Nek7'
2 non-polymer 3-[[6-(cyclohexylmethoxy)-7~{H}-purin-2-yl]amino]-~{N}-[3-(dimethylamino)propyl]benzenesulfonamide
#
_entity_poly.entity_id   1
_entity_poly.type   'polypeptide(L)'
_entity_poly.pdbx_seq_one_letter_code
;MDEQSQGMQGPPVPQFQPQKALRPDMGYNTLANFRIEKKIGRGQFSEVYRAACLLDGVPVALKKVQIFDLMDAKARADCI
KEIDLHKQLNHPNVIKFYASFIEDNELNIVLELADAGDLSRMIKHFKKQKRLIPERTVWKYFVQLCSALEHMHSRRVMHR
DIKPANVFITATGVVKLGDFGLGRFFSSKTTAAHSLVGTPYYMSPERIHENGYNFKSDIWSLGCLLYEMAALQSPFYGDK
MNLYSLCKKIEQCDYPPLPSDHYSEELRQLVNMCINPDPEKRPDVTYVYDVAKRMHACTASSLEHHHHHH
;
_entity_poly.pdbx_strand_id   A,B,C,D
#
loop_
_chem_comp.id
_chem_comp.type
_chem_comp.name
_chem_comp.formula
F9N non-polymer 3-[[6-(cyclohexylmethoxy)-7~{H}-purin-2-yl]amino]-~{N}-[3-(dimethylamino)propyl]benzenesulfonamide 'C23 H33 N7 O3 S'
#
# COMPACT_ATOMS: atom_id res chain seq x y z
N ALA A 21 25.25 -48.64 -22.38
CA ALA A 21 24.55 -49.34 -21.31
C ALA A 21 24.18 -48.39 -20.17
N LEU A 22 25.20 -47.97 -19.41
CA LEU A 22 25.00 -47.03 -18.31
C LEU A 22 26.19 -46.09 -18.25
N ARG A 23 25.93 -44.85 -17.85
CA ARG A 23 26.96 -43.81 -17.84
C ARG A 23 26.66 -42.82 -16.73
N PRO A 24 27.20 -43.05 -15.52
CA PRO A 24 26.99 -42.08 -14.45
C PRO A 24 27.66 -40.74 -14.69
N ASP A 25 28.75 -40.72 -15.46
CA ASP A 25 29.48 -39.47 -15.68
C ASP A 25 28.54 -38.37 -16.18
N MET A 26 27.77 -38.68 -17.23
CA MET A 26 26.81 -37.69 -17.75
C MET A 26 25.76 -37.34 -16.70
N GLY A 27 25.23 -38.33 -16.02
CA GLY A 27 24.18 -38.10 -15.02
C GLY A 27 22.80 -38.12 -15.65
N TYR A 28 22.06 -37.03 -15.47
CA TYR A 28 20.73 -36.89 -16.07
C TYR A 28 20.77 -36.50 -17.53
N ASN A 29 21.92 -36.60 -18.19
CA ASN A 29 22.12 -36.04 -19.52
C ASN A 29 21.99 -37.06 -20.64
N THR A 30 21.79 -38.33 -20.32
CA THR A 30 21.63 -39.35 -21.36
C THR A 30 20.48 -40.28 -20.98
N LEU A 31 19.69 -40.65 -21.98
CA LEU A 31 18.55 -41.54 -21.77
C LEU A 31 18.95 -42.94 -21.34
N ALA A 32 20.25 -43.26 -21.35
CA ALA A 32 20.72 -44.57 -20.91
C ALA A 32 20.63 -44.74 -19.40
N ASN A 33 20.39 -43.67 -18.65
CA ASN A 33 20.32 -43.72 -17.19
C ASN A 33 18.89 -43.75 -16.68
N PHE A 34 17.91 -43.98 -17.55
CA PHE A 34 16.51 -44.05 -17.14
C PHE A 34 15.87 -45.32 -17.69
N ARG A 35 14.84 -45.78 -16.99
CA ARG A 35 13.99 -46.88 -17.45
C ARG A 35 12.59 -46.33 -17.64
N ILE A 36 12.10 -46.34 -18.88
CA ILE A 36 10.80 -45.77 -19.21
C ILE A 36 9.72 -46.74 -18.71
N GLU A 37 9.04 -46.35 -17.63
CA GLU A 37 8.01 -47.21 -17.05
C GLU A 37 6.79 -47.28 -17.95
N LYS A 38 6.15 -46.15 -18.20
CA LYS A 38 4.94 -46.12 -19.01
C LYS A 38 4.76 -44.74 -19.61
N LYS A 39 3.92 -44.66 -20.64
CA LYS A 39 3.59 -43.41 -21.30
C LYS A 39 2.38 -42.80 -20.60
N ILE A 40 2.58 -41.63 -19.98
CA ILE A 40 1.53 -41.04 -19.17
C ILE A 40 0.59 -40.15 -19.99
N GLY A 41 1.08 -39.55 -21.07
CA GLY A 41 0.22 -38.70 -21.89
C GLY A 41 0.97 -38.17 -23.08
N ARG A 42 0.20 -37.62 -24.02
CA ARG A 42 0.73 -36.97 -25.21
C ARG A 42 0.42 -35.48 -25.13
N GLY A 43 1.46 -34.66 -25.23
CA GLY A 43 1.32 -33.23 -25.12
C GLY A 43 0.86 -32.59 -26.42
N GLN A 44 1.06 -31.27 -26.50
CA GLN A 44 0.66 -30.54 -27.70
C GLN A 44 1.41 -31.06 -28.92
N PHE A 45 2.75 -30.97 -28.87
CA PHE A 45 3.61 -31.49 -29.93
C PHE A 45 4.64 -32.46 -29.35
N SER A 46 4.32 -33.08 -28.22
CA SER A 46 5.30 -33.90 -27.50
C SER A 46 4.59 -35.07 -26.83
N GLU A 47 5.39 -36.10 -26.51
CA GLU A 47 4.92 -37.25 -25.76
C GLU A 47 5.76 -37.36 -24.49
N VAL A 48 5.09 -37.46 -23.35
CA VAL A 48 5.73 -37.48 -22.05
C VAL A 48 5.60 -38.88 -21.46
N TYR A 49 6.71 -39.43 -20.97
CA TYR A 49 6.76 -40.76 -20.39
C TYR A 49 7.22 -40.68 -18.93
N ARG A 50 6.67 -41.55 -18.10
CA ARG A 50 7.19 -41.76 -16.75
C ARG A 50 8.45 -42.61 -16.81
N ALA A 51 9.36 -42.36 -15.88
CA ALA A 51 10.63 -43.08 -15.87
C ALA A 51 11.21 -43.10 -14.46
N ALA A 52 12.23 -43.95 -14.30
CA ALA A 52 12.98 -44.06 -13.05
C ALA A 52 14.46 -43.87 -13.35
N CYS A 53 15.12 -43.05 -12.55
CA CYS A 53 16.56 -42.82 -12.72
C CYS A 53 17.32 -43.96 -12.05
N LEU A 54 18.16 -44.66 -12.83
CA LEU A 54 18.88 -45.80 -12.29
C LEU A 54 19.98 -45.36 -11.34
N LEU A 55 20.60 -44.21 -11.61
CA LEU A 55 21.73 -43.76 -10.81
C LEU A 55 21.35 -43.58 -9.34
N ASP A 56 20.20 -42.97 -9.06
CA ASP A 56 19.78 -42.71 -7.69
C ASP A 56 18.37 -43.15 -7.36
N GLY A 57 17.58 -43.61 -8.32
CA GLY A 57 16.25 -44.13 -8.03
C GLY A 57 15.13 -43.12 -8.11
N VAL A 58 15.43 -41.84 -8.28
CA VAL A 58 14.37 -40.82 -8.28
C VAL A 58 13.46 -41.05 -9.48
N PRO A 59 12.15 -40.81 -9.38
CA PRO A 59 11.28 -40.89 -10.55
C PRO A 59 11.25 -39.58 -11.32
N VAL A 60 11.45 -39.65 -12.64
CA VAL A 60 11.47 -38.47 -13.48
C VAL A 60 10.50 -38.69 -14.64
N ALA A 61 10.12 -37.59 -15.29
CA ALA A 61 9.20 -37.62 -16.42
C ALA A 61 9.88 -37.00 -17.61
N LEU A 62 10.01 -37.77 -18.69
CA LEU A 62 10.67 -37.31 -19.90
C LEU A 62 9.68 -36.58 -20.82
N LYS A 63 10.23 -35.76 -21.71
CA LYS A 63 9.45 -35.02 -22.69
C LYS A 63 10.16 -35.10 -24.03
N LYS A 64 9.54 -35.74 -25.01
CA LYS A 64 10.13 -35.91 -26.34
C LYS A 64 9.55 -34.81 -27.24
N VAL A 65 10.32 -33.74 -27.43
CA VAL A 65 9.82 -32.57 -28.16
C VAL A 65 9.73 -32.79 -29.66
N GLN A 66 10.40 -33.82 -30.19
CA GLN A 66 10.34 -34.13 -31.61
C GLN A 66 10.74 -32.92 -32.46
N ILE A 67 11.80 -32.23 -32.02
CA ILE A 67 12.34 -31.12 -32.80
C ILE A 67 13.28 -31.60 -33.90
N PHE A 68 13.70 -32.87 -33.85
CA PHE A 68 14.60 -33.42 -34.87
C PHE A 68 14.11 -33.06 -36.27
N ASP A 69 12.90 -33.47 -36.60
CA ASP A 69 12.31 -33.17 -37.89
C ASP A 69 11.48 -31.89 -37.82
N LEU A 70 11.05 -31.43 -38.99
CA LEU A 70 10.12 -30.31 -39.12
C LEU A 70 10.48 -29.16 -38.18
N MET A 71 11.75 -28.77 -38.18
CA MET A 71 12.18 -27.61 -37.43
C MET A 71 13.48 -27.07 -38.00
N ASP A 72 13.59 -25.74 -38.06
CA ASP A 72 14.75 -25.06 -38.59
C ASP A 72 15.78 -24.81 -37.47
N ALA A 73 16.99 -24.41 -37.88
CA ALA A 73 18.07 -24.23 -36.91
C ALA A 73 17.75 -23.12 -35.92
N LYS A 74 17.16 -22.03 -36.40
CA LYS A 74 16.82 -20.92 -35.50
C LYS A 74 15.74 -21.33 -34.50
N ALA A 75 14.65 -21.94 -35.00
CA ALA A 75 13.59 -22.41 -34.11
C ALA A 75 14.13 -23.32 -33.03
N ARG A 76 15.13 -24.15 -33.36
CA ARG A 76 15.78 -24.97 -32.35
C ARG A 76 16.50 -24.12 -31.33
N ALA A 77 17.29 -23.16 -31.81
CA ALA A 77 17.94 -22.22 -30.91
C ALA A 77 16.91 -21.55 -30.02
N ASP A 78 15.79 -21.12 -30.60
CA ASP A 78 14.73 -20.50 -29.82
C ASP A 78 14.20 -21.46 -28.77
N CYS A 79 13.94 -22.71 -29.14
CA CYS A 79 13.46 -23.69 -28.18
C CYS A 79 14.40 -23.82 -27.00
N ILE A 80 15.71 -23.75 -27.25
CA ILE A 80 16.68 -23.84 -26.16
C ILE A 80 16.60 -22.61 -25.28
N LYS A 81 16.58 -21.42 -25.88
CA LYS A 81 16.54 -20.19 -25.11
C LYS A 81 15.43 -20.23 -24.07
N GLU A 82 14.29 -20.84 -24.40
CA GLU A 82 13.22 -20.99 -23.45
C GLU A 82 13.62 -21.95 -22.33
N ILE A 83 14.28 -23.06 -22.68
CA ILE A 83 14.71 -24.02 -21.67
C ILE A 83 15.69 -23.38 -20.71
N ASP A 84 16.68 -22.66 -21.25
CA ASP A 84 17.65 -21.97 -20.40
C ASP A 84 16.94 -21.05 -19.40
N LEU A 85 15.85 -20.40 -19.84
CA LEU A 85 15.09 -19.54 -18.95
C LEU A 85 14.33 -20.37 -17.92
N HIS A 86 13.57 -21.36 -18.38
CA HIS A 86 12.77 -22.18 -17.47
C HIS A 86 13.63 -22.81 -16.40
N LYS A 87 14.90 -23.09 -16.69
CA LYS A 87 15.79 -23.69 -15.71
C LYS A 87 16.13 -22.71 -14.59
N GLN A 88 16.08 -21.41 -14.86
CA GLN A 88 16.46 -20.41 -13.87
C GLN A 88 15.40 -20.20 -12.80
N LEU A 89 14.15 -20.56 -13.07
CA LEU A 89 13.07 -20.32 -12.12
C LEU A 89 13.07 -21.41 -11.06
N ASN A 90 13.16 -21.00 -9.79
CA ASN A 90 13.11 -21.92 -8.65
C ASN A 90 12.01 -21.44 -7.73
N HIS A 91 10.95 -22.24 -7.59
CA HIS A 91 9.76 -21.84 -6.86
C HIS A 91 9.04 -23.09 -6.40
N PRO A 92 8.36 -23.06 -5.24
CA PRO A 92 7.63 -24.25 -4.80
C PRO A 92 6.47 -24.63 -5.71
N ASN A 93 5.89 -23.67 -6.42
CA ASN A 93 4.72 -23.90 -7.26
C ASN A 93 5.06 -23.90 -8.74
N VAL A 94 6.31 -24.19 -9.10
CA VAL A 94 6.72 -24.36 -10.49
C VAL A 94 7.43 -25.70 -10.58
N ILE A 95 7.07 -26.50 -11.60
CA ILE A 95 7.62 -27.83 -11.72
C ILE A 95 9.13 -27.76 -11.79
N LYS A 96 9.80 -28.62 -11.03
CA LYS A 96 11.25 -28.62 -11.00
C LYS A 96 11.81 -29.08 -12.35
N PHE A 97 12.99 -28.56 -12.68
CA PHE A 97 13.66 -28.85 -13.95
C PHE A 97 14.99 -29.51 -13.65
N TYR A 98 15.21 -30.70 -14.21
CA TYR A 98 16.38 -31.51 -13.92
C TYR A 98 17.43 -31.46 -15.03
N ALA A 99 17.05 -31.78 -16.26
CA ALA A 99 18.03 -31.86 -17.34
C ALA A 99 17.33 -31.70 -18.68
N SER A 100 18.07 -31.14 -19.64
CA SER A 100 17.63 -31.02 -21.02
C SER A 100 18.82 -31.36 -21.92
N PHE A 101 18.61 -32.26 -22.87
CA PHE A 101 19.69 -32.70 -23.74
C PHE A 101 19.11 -33.21 -25.05
N ILE A 102 19.99 -33.35 -26.04
CA ILE A 102 19.64 -33.91 -27.34
C ILE A 102 20.39 -35.24 -27.47
N GLU A 103 19.62 -36.33 -27.61
CA GLU A 103 20.20 -37.66 -27.77
C GLU A 103 19.52 -38.36 -28.93
N ASP A 104 20.32 -38.85 -29.88
CA ASP A 104 19.80 -39.54 -31.05
C ASP A 104 18.82 -38.66 -31.83
N ASN A 105 19.15 -37.38 -31.95
CA ASN A 105 18.34 -36.43 -32.70
C ASN A 105 16.92 -36.37 -32.13
N GLU A 106 16.84 -36.20 -30.81
CA GLU A 106 15.55 -36.04 -30.15
C GLU A 106 15.77 -35.30 -28.84
N LEU A 107 15.14 -34.13 -28.71
CA LEU A 107 15.27 -33.30 -27.52
C LEU A 107 14.44 -33.91 -26.39
N ASN A 108 15.12 -34.47 -25.39
CA ASN A 108 14.47 -35.01 -24.21
C ASN A 108 14.59 -34.01 -23.07
N ILE A 109 13.48 -33.74 -22.40
CA ILE A 109 13.43 -32.83 -21.25
C ILE A 109 12.88 -33.62 -20.08
N VAL A 110 13.72 -33.90 -19.09
CA VAL A 110 13.33 -34.68 -17.93
C VAL A 110 12.97 -33.72 -16.80
N LEU A 111 11.73 -33.82 -16.32
CA LEU A 111 11.20 -32.92 -15.31
C LEU A 111 10.66 -33.74 -14.13
N GLU A 112 10.46 -33.05 -13.01
CA GLU A 112 9.92 -33.69 -11.82
C GLU A 112 8.57 -34.33 -12.13
N LEU A 113 8.32 -35.47 -11.50
CA LEU A 113 7.07 -36.21 -11.69
C LEU A 113 6.11 -35.86 -10.55
N ALA A 114 4.89 -35.48 -10.91
CA ALA A 114 3.83 -35.19 -9.95
C ALA A 114 2.85 -36.35 -9.96
N ASP A 115 2.62 -36.94 -8.78
CA ASP A 115 1.74 -38.09 -8.65
C ASP A 115 0.38 -37.81 -9.30
N ALA A 116 -0.40 -36.90 -8.72
CA ALA A 116 -1.69 -36.54 -9.28
C ALA A 116 -1.48 -35.80 -10.60
N GLY A 117 -2.01 -36.37 -11.68
CA GLY A 117 -1.72 -35.89 -13.02
C GLY A 117 -2.11 -34.45 -13.29
N ASP A 118 -2.00 -34.05 -14.56
CA ASP A 118 -2.33 -32.69 -14.96
C ASP A 118 -3.74 -32.31 -14.47
N LEU A 119 -3.94 -31.01 -14.28
CA LEU A 119 -5.23 -30.53 -13.78
C LEU A 119 -6.37 -30.94 -14.69
N SER A 120 -6.13 -31.01 -16.00
CA SER A 120 -7.18 -31.44 -16.92
C SER A 120 -7.69 -32.83 -16.57
N ARG A 121 -6.78 -33.70 -16.10
CA ARG A 121 -7.20 -35.04 -15.68
C ARG A 121 -8.15 -34.97 -14.50
N MET A 122 -7.91 -34.04 -13.57
CA MET A 122 -8.81 -33.86 -12.44
C MET A 122 -10.16 -33.32 -12.88
N ILE A 123 -10.16 -32.35 -13.80
CA ILE A 123 -11.42 -31.81 -14.32
C ILE A 123 -12.19 -32.89 -15.06
N LYS A 124 -11.51 -33.62 -15.96
CA LYS A 124 -12.18 -34.66 -16.72
C LYS A 124 -12.68 -35.78 -15.82
N HIS A 125 -12.02 -35.98 -14.67
CA HIS A 125 -12.50 -36.94 -13.69
C HIS A 125 -13.77 -36.43 -13.01
N PHE A 126 -13.71 -35.22 -12.46
CA PHE A 126 -14.88 -34.64 -11.80
C PHE A 126 -16.06 -34.56 -12.75
N LYS A 127 -15.83 -34.06 -13.98
CA LYS A 127 -16.91 -33.96 -14.95
C LYS A 127 -17.50 -35.33 -15.26
N LYS A 128 -16.66 -36.37 -15.28
CA LYS A 128 -17.17 -37.71 -15.56
C LYS A 128 -18.17 -38.15 -14.50
N GLN A 129 -17.98 -37.74 -13.25
CA GLN A 129 -18.86 -38.10 -12.15
C GLN A 129 -19.87 -37.01 -11.82
N LYS A 130 -19.99 -35.99 -12.66
CA LYS A 130 -21.01 -34.96 -12.52
C LYS A 130 -21.04 -34.39 -11.10
N ARG A 131 -19.86 -34.00 -10.62
CA ARG A 131 -19.75 -33.30 -9.34
C ARG A 131 -18.77 -32.16 -9.49
N LEU A 132 -19.18 -30.97 -9.04
CA LEU A 132 -18.37 -29.77 -9.23
C LEU A 132 -17.30 -29.67 -8.15
N ILE A 133 -16.28 -28.88 -8.45
CA ILE A 133 -15.16 -28.68 -7.52
C ILE A 133 -15.59 -27.68 -6.45
N PRO A 134 -15.48 -28.01 -5.16
CA PRO A 134 -15.87 -27.04 -4.12
C PRO A 134 -15.05 -25.77 -4.22
N GLU A 135 -15.71 -24.65 -3.91
CA GLU A 135 -15.03 -23.35 -3.97
C GLU A 135 -13.84 -23.31 -3.02
N ARG A 136 -13.91 -24.02 -1.90
CA ARG A 136 -12.83 -23.99 -0.93
C ARG A 136 -11.56 -24.63 -1.47
N THR A 137 -11.69 -25.59 -2.38
CA THR A 137 -10.52 -26.20 -2.99
C THR A 137 -10.03 -25.45 -4.21
N VAL A 138 -10.93 -24.77 -4.93
CA VAL A 138 -10.52 -23.92 -6.04
C VAL A 138 -9.51 -22.88 -5.55
N TRP A 139 -9.85 -22.17 -4.48
CA TRP A 139 -8.93 -21.19 -3.92
C TRP A 139 -7.67 -21.86 -3.40
N LYS A 140 -7.81 -23.04 -2.79
CA LYS A 140 -6.65 -23.77 -2.29
C LYS A 140 -5.62 -23.97 -3.39
N TYR A 141 -6.06 -24.41 -4.57
CA TYR A 141 -5.16 -24.58 -5.70
C TYR A 141 -4.82 -23.24 -6.34
N PHE A 142 -5.84 -22.41 -6.60
CA PHE A 142 -5.65 -21.20 -7.38
C PHE A 142 -4.58 -20.30 -6.77
N VAL A 143 -4.55 -20.20 -5.43
CA VAL A 143 -3.56 -19.36 -4.79
C VAL A 143 -2.16 -19.89 -5.05
N GLN A 144 -2.00 -21.21 -5.11
CA GLN A 144 -0.68 -21.79 -5.32
C GLN A 144 -0.12 -21.38 -6.68
N LEU A 145 -0.92 -21.55 -7.74
CA LEU A 145 -0.44 -21.21 -9.07
C LEU A 145 -0.35 -19.71 -9.29
N CYS A 146 -1.11 -18.92 -8.54
CA CYS A 146 -0.90 -17.47 -8.56
C CYS A 146 0.44 -17.10 -7.98
N SER A 147 0.82 -17.70 -6.84
CA SER A 147 2.14 -17.48 -6.28
C SER A 147 3.22 -17.70 -7.33
N ALA A 148 3.10 -18.76 -8.12
CA ALA A 148 4.08 -19.03 -9.16
C ALA A 148 4.11 -17.91 -10.20
N LEU A 149 2.94 -17.37 -10.55
CA LEU A 149 2.87 -16.36 -11.60
C LEU A 149 3.40 -15.02 -11.10
N GLU A 150 3.07 -14.66 -9.85
CA GLU A 150 3.66 -13.46 -9.27
C GLU A 150 5.18 -13.56 -9.21
N HIS A 151 5.69 -14.75 -8.92
CA HIS A 151 7.13 -14.97 -8.93
C HIS A 151 7.72 -14.67 -10.30
N MET A 152 7.12 -15.22 -11.35
CA MET A 152 7.63 -15.00 -12.70
C MET A 152 7.49 -13.54 -13.11
N HIS A 153 6.27 -12.99 -13.01
CA HIS A 153 6.03 -11.63 -13.46
C HIS A 153 6.90 -10.63 -12.71
N SER A 154 7.12 -10.86 -11.41
CA SER A 154 8.02 -10.00 -10.66
C SER A 154 9.45 -10.06 -11.19
N ARG A 155 9.81 -11.15 -11.87
CA ARG A 155 11.12 -11.28 -12.50
C ARG A 155 11.05 -11.03 -14.01
N ARG A 156 9.97 -10.39 -14.48
CA ARG A 156 9.84 -10.04 -15.89
C ARG A 156 9.87 -11.28 -16.78
N VAL A 157 9.04 -12.27 -16.44
CA VAL A 157 8.93 -13.49 -17.21
C VAL A 157 7.46 -13.85 -17.32
N MET A 158 6.96 -13.94 -18.56
CA MET A 158 5.59 -14.37 -18.81
C MET A 158 5.59 -15.83 -19.21
N HIS A 159 4.64 -16.58 -18.66
CA HIS A 159 4.62 -18.03 -18.86
C HIS A 159 4.34 -18.40 -20.31
N ARG A 160 3.39 -17.72 -20.95
CA ARG A 160 3.03 -17.93 -22.34
C ARG A 160 2.33 -19.26 -22.60
N ASP A 161 1.95 -19.99 -21.55
CA ASP A 161 1.21 -21.24 -21.72
C ASP A 161 0.62 -21.70 -20.40
N ILE A 162 -0.50 -21.10 -20.00
CA ILE A 162 -1.18 -21.46 -18.76
C ILE A 162 -2.49 -22.15 -19.15
N LYS A 163 -2.55 -23.45 -18.94
CA LYS A 163 -3.73 -24.24 -19.25
C LYS A 163 -3.84 -25.36 -18.24
N PRO A 164 -5.02 -25.99 -18.13
CA PRO A 164 -5.13 -27.14 -17.21
C PRO A 164 -4.22 -28.29 -17.57
N ALA A 165 -3.97 -28.52 -18.85
CA ALA A 165 -3.11 -29.61 -19.28
C ALA A 165 -1.65 -29.41 -18.86
N ASN A 166 -1.28 -28.21 -18.41
CA ASN A 166 0.08 -27.92 -18.00
C ASN A 166 0.18 -27.54 -16.52
N VAL A 167 -0.88 -27.75 -15.74
CA VAL A 167 -0.87 -27.54 -14.30
C VAL A 167 -0.91 -28.91 -13.64
N PHE A 168 0.02 -29.15 -12.71
CA PHE A 168 0.22 -30.46 -12.12
C PHE A 168 0.04 -30.41 -10.61
N ILE A 169 -0.33 -31.55 -10.04
CA ILE A 169 -0.66 -31.66 -8.62
C ILE A 169 0.13 -32.82 -8.03
N THR A 170 0.67 -32.62 -6.83
CA THR A 170 1.35 -33.68 -6.10
C THR A 170 0.38 -34.34 -5.13
N ALA A 171 0.73 -35.55 -4.71
CA ALA A 171 -0.11 -36.27 -3.74
C ALA A 171 -0.38 -35.42 -2.51
N THR A 172 0.58 -34.58 -2.11
CA THR A 172 0.38 -33.71 -0.96
C THR A 172 -0.76 -32.73 -1.20
N GLY A 173 -1.00 -32.36 -2.46
CA GLY A 173 -2.00 -31.35 -2.80
C GLY A 173 -1.42 -30.07 -3.35
N VAL A 174 -0.10 -29.94 -3.43
CA VAL A 174 0.51 -28.74 -3.96
C VAL A 174 0.33 -28.69 -5.48
N VAL A 175 0.25 -27.47 -6.01
CA VAL A 175 0.06 -27.24 -7.43
C VAL A 175 1.31 -26.61 -8.00
N LYS A 176 1.70 -27.04 -9.20
CA LYS A 176 2.92 -26.59 -9.86
C LYS A 176 2.61 -26.12 -11.27
N LEU A 177 3.26 -25.04 -11.69
CA LEU A 177 3.23 -24.65 -13.10
C LEU A 177 4.27 -25.46 -13.87
N GLY A 178 4.20 -25.37 -15.19
CA GLY A 178 4.99 -26.25 -16.04
C GLY A 178 5.79 -25.58 -17.14
N ASP A 179 6.16 -26.37 -18.14
CA ASP A 179 7.06 -25.94 -19.20
C ASP A 179 6.48 -24.72 -19.93
N PHE A 180 7.35 -24.09 -20.72
CA PHE A 180 6.96 -22.96 -21.56
C PHE A 180 6.27 -23.47 -22.82
N GLY A 181 5.85 -22.54 -23.67
CA GLY A 181 5.13 -22.91 -24.87
C GLY A 181 6.06 -23.51 -25.92
N LEU A 182 5.48 -24.36 -26.78
CA LEU A 182 6.19 -24.98 -27.87
C LEU A 182 5.79 -24.41 -29.23
N GLY A 183 4.99 -23.35 -29.24
CA GLY A 183 4.58 -22.72 -30.49
C GLY A 183 5.72 -21.97 -31.17
N ARG A 184 6.49 -22.67 -31.98
CA ARG A 184 7.61 -22.06 -32.68
C ARG A 184 8.06 -22.92 -33.86
N LEU A 196 -4.83 -27.99 -40.47
CA LEU A 196 -3.67 -27.89 -39.59
C LEU A 196 -3.79 -26.68 -38.66
N VAL A 197 -4.98 -26.07 -38.63
CA VAL A 197 -5.20 -24.94 -37.75
C VAL A 197 -5.20 -25.41 -36.30
N GLY A 198 -4.65 -24.60 -35.42
CA GLY A 198 -4.52 -24.97 -34.02
C GLY A 198 -5.04 -23.89 -33.10
N THR A 199 -5.52 -24.33 -31.94
CA THR A 199 -6.06 -23.43 -30.92
C THR A 199 -5.29 -23.61 -29.63
N PRO A 200 -4.45 -22.65 -29.20
CA PRO A 200 -3.93 -22.72 -27.83
C PRO A 200 -5.08 -22.61 -26.85
N TYR A 201 -5.17 -23.61 -25.96
CA TYR A 201 -6.38 -23.87 -25.19
C TYR A 201 -7.10 -22.59 -24.78
N TYR A 202 -6.36 -21.57 -24.36
CA TYR A 202 -6.95 -20.30 -23.95
C TYR A 202 -6.43 -19.20 -24.88
N MET A 203 -7.04 -19.12 -26.07
CA MET A 203 -6.74 -18.06 -27.02
C MET A 203 -7.16 -16.70 -26.46
N SER A 204 -6.37 -15.67 -26.76
CA SER A 204 -6.55 -14.35 -26.17
C SER A 204 -6.76 -13.28 -27.22
N PRO A 205 -7.36 -12.13 -26.84
CA PRO A 205 -7.60 -11.09 -27.85
C PRO A 205 -6.33 -10.47 -28.41
N GLU A 206 -5.33 -10.21 -27.57
CA GLU A 206 -4.09 -9.65 -28.08
C GLU A 206 -3.55 -10.49 -29.24
N ARG A 207 -3.70 -11.80 -29.14
CA ARG A 207 -3.24 -12.70 -30.20
C ARG A 207 -4.31 -12.91 -31.26
N ILE A 208 -5.59 -12.75 -30.92
CA ILE A 208 -6.64 -12.80 -31.93
C ILE A 208 -6.32 -11.85 -33.07
N HIS A 209 -5.98 -10.61 -32.72
CA HIS A 209 -5.42 -9.67 -33.67
C HIS A 209 -3.88 -9.75 -33.63
N GLU A 210 -3.25 -9.17 -34.64
CA GLU A 210 -1.78 -9.18 -34.73
C GLU A 210 -1.24 -8.10 -33.79
N ASN A 211 -1.27 -8.41 -32.50
CA ASN A 211 -0.80 -7.49 -31.47
C ASN A 211 0.36 -8.03 -30.65
N GLY A 212 0.35 -9.32 -30.32
CA GLY A 212 1.46 -9.93 -29.62
C GLY A 212 1.11 -10.27 -28.18
N TYR A 213 1.74 -11.32 -27.68
CA TYR A 213 1.56 -11.73 -26.29
C TYR A 213 2.23 -10.73 -25.36
N ASN A 214 1.55 -10.39 -24.28
CA ASN A 214 2.09 -9.48 -23.27
C ASN A 214 1.76 -10.02 -21.88
N PHE A 215 2.14 -9.25 -20.86
CA PHE A 215 1.94 -9.69 -19.48
C PHE A 215 0.46 -9.81 -19.15
N LYS A 216 -0.32 -8.76 -19.42
CA LYS A 216 -1.75 -8.81 -19.14
C LYS A 216 -2.44 -9.93 -19.89
N SER A 217 -1.81 -10.49 -20.92
CA SER A 217 -2.39 -11.63 -21.63
C SER A 217 -2.26 -12.92 -20.84
N ASP A 218 -1.31 -13.00 -19.91
CA ASP A 218 -1.21 -14.19 -19.06
C ASP A 218 -2.37 -14.25 -18.07
N ILE A 219 -2.80 -13.08 -17.56
CA ILE A 219 -3.95 -13.03 -16.68
C ILE A 219 -5.16 -13.64 -17.38
N TRP A 220 -5.41 -13.23 -18.62
CA TRP A 220 -6.49 -13.80 -19.43
C TRP A 220 -6.52 -15.32 -19.31
N SER A 221 -5.41 -15.97 -19.68
CA SER A 221 -5.31 -17.41 -19.52
C SER A 221 -5.62 -17.82 -18.08
N LEU A 222 -5.09 -17.07 -17.11
CA LEU A 222 -5.37 -17.37 -15.71
C LEU A 222 -6.85 -17.23 -15.41
N GLY A 223 -7.52 -16.24 -16.02
CA GLY A 223 -8.95 -16.08 -15.80
C GLY A 223 -9.74 -17.26 -16.33
N CYS A 224 -9.43 -17.68 -17.56
CA CYS A 224 -10.10 -18.86 -18.12
C CYS A 224 -9.83 -20.11 -17.29
N LEU A 225 -8.64 -20.21 -16.71
CA LEU A 225 -8.33 -21.36 -15.88
C LEU A 225 -9.22 -21.41 -14.64
N LEU A 226 -9.35 -20.28 -13.94
CA LEU A 226 -10.25 -20.22 -12.79
C LEU A 226 -11.67 -20.57 -13.18
N TYR A 227 -12.09 -20.21 -14.39
CA TYR A 227 -13.45 -20.52 -14.83
C TYR A 227 -13.63 -22.02 -15.06
N GLU A 228 -12.61 -22.69 -15.59
CA GLU A 228 -12.77 -24.12 -15.89
C GLU A 228 -12.76 -24.96 -14.62
N MET A 229 -12.06 -24.51 -13.58
CA MET A 229 -12.15 -25.20 -12.29
C MET A 229 -13.57 -25.16 -11.76
N ALA A 230 -14.27 -24.04 -11.98
CA ALA A 230 -15.61 -23.86 -11.44
C ALA A 230 -16.66 -24.53 -12.32
N ALA A 231 -16.52 -24.45 -13.64
CA ALA A 231 -17.52 -24.96 -14.56
C ALA A 231 -17.10 -26.24 -15.27
N LEU A 232 -15.86 -26.68 -15.09
CA LEU A 232 -15.38 -27.91 -15.73
C LEU A 232 -15.48 -27.83 -17.26
N GLN A 233 -15.41 -26.61 -17.80
CA GLN A 233 -15.43 -26.41 -19.24
C GLN A 233 -14.98 -25.00 -19.55
N SER A 234 -14.19 -24.86 -20.62
CA SER A 234 -13.65 -23.56 -20.98
C SER A 234 -14.79 -22.55 -21.15
N PRO A 235 -14.55 -21.27 -20.85
CA PRO A 235 -15.65 -20.30 -20.96
C PRO A 235 -16.12 -20.10 -22.39
N PHE A 236 -15.21 -20.10 -23.36
CA PHE A 236 -15.55 -19.90 -24.76
C PHE A 236 -15.64 -21.20 -25.53
N TYR A 237 -15.54 -22.34 -24.85
CA TYR A 237 -15.89 -23.61 -25.44
C TYR A 237 -17.32 -23.56 -25.96
N GLY A 238 -17.51 -23.91 -27.24
CA GLY A 238 -18.80 -23.83 -27.87
C GLY A 238 -19.15 -25.12 -28.59
N ASP A 239 -20.43 -25.23 -28.95
CA ASP A 239 -20.90 -26.40 -29.68
C ASP A 239 -20.34 -26.45 -31.10
N LYS A 240 -20.07 -25.28 -31.69
CA LYS A 240 -19.47 -25.19 -33.01
C LYS A 240 -18.02 -24.73 -32.87
N MET A 241 -17.13 -25.37 -33.61
CA MET A 241 -15.70 -25.09 -33.53
C MET A 241 -15.25 -24.04 -34.53
N ASN A 242 -16.18 -23.33 -35.17
CA ASN A 242 -15.82 -22.31 -36.14
C ASN A 242 -14.93 -21.25 -35.48
N LEU A 243 -13.81 -20.92 -36.13
CA LEU A 243 -12.90 -19.93 -35.59
C LEU A 243 -13.54 -18.55 -35.55
N TYR A 244 -14.25 -18.17 -36.60
CA TYR A 244 -14.93 -16.88 -36.61
C TYR A 244 -16.04 -16.83 -35.57
N SER A 245 -16.79 -17.93 -35.43
CA SER A 245 -17.84 -17.98 -34.42
C SER A 245 -17.26 -17.81 -33.02
N LEU A 246 -16.19 -18.56 -32.71
CA LEU A 246 -15.54 -18.41 -31.41
C LEU A 246 -14.92 -17.03 -31.26
N CYS A 247 -14.31 -16.51 -32.34
CA CYS A 247 -13.70 -15.19 -32.27
C CYS A 247 -14.73 -14.12 -31.92
N LYS A 248 -15.93 -14.22 -32.49
CA LYS A 248 -16.99 -13.26 -32.17
C LYS A 248 -17.41 -13.37 -30.71
N LYS A 249 -17.37 -14.57 -30.14
CA LYS A 249 -17.73 -14.76 -28.74
C LYS A 249 -16.66 -14.27 -27.79
N ILE A 250 -15.45 -13.97 -28.28
CA ILE A 250 -14.40 -13.41 -27.43
C ILE A 250 -14.44 -11.89 -27.44
N GLU A 251 -14.73 -11.28 -28.59
CA GLU A 251 -14.86 -9.83 -28.65
C GLU A 251 -15.85 -9.33 -27.61
N GLN A 252 -17.09 -9.82 -27.68
CA GLN A 252 -18.07 -9.60 -26.63
C GLN A 252 -17.95 -10.73 -25.61
N CYS A 253 -17.59 -10.38 -24.38
CA CYS A 253 -17.36 -11.39 -23.36
C CYS A 253 -18.66 -12.07 -22.97
N ASP A 254 -19.22 -12.86 -23.88
CA ASP A 254 -20.44 -13.62 -23.63
C ASP A 254 -20.08 -15.07 -23.35
N TYR A 255 -20.41 -15.56 -22.16
CA TYR A 255 -20.13 -16.93 -21.77
C TYR A 255 -21.10 -17.31 -20.67
N PRO A 256 -21.41 -18.59 -20.52
CA PRO A 256 -22.37 -19.00 -19.49
C PRO A 256 -21.86 -18.68 -18.09
N PRO A 257 -22.59 -17.90 -17.31
CA PRO A 257 -22.12 -17.57 -15.95
C PRO A 257 -22.02 -18.80 -15.08
N LEU A 258 -21.36 -18.63 -13.94
CA LEU A 258 -21.18 -19.72 -12.99
C LEU A 258 -22.40 -19.84 -12.07
N PRO A 259 -22.61 -21.01 -11.48
CA PRO A 259 -23.70 -21.13 -10.49
C PRO A 259 -23.53 -20.15 -9.36
N SER A 260 -24.52 -19.26 -9.20
CA SER A 260 -24.42 -18.22 -8.19
C SER A 260 -24.37 -18.81 -6.78
N ASP A 261 -25.12 -19.88 -6.54
CA ASP A 261 -25.22 -20.42 -5.19
C ASP A 261 -23.90 -21.01 -4.72
N HIS A 262 -23.19 -21.72 -5.60
CA HIS A 262 -22.04 -22.50 -5.19
C HIS A 262 -20.74 -21.70 -5.20
N TYR A 263 -20.65 -20.66 -6.02
CA TYR A 263 -19.41 -19.90 -6.17
C TYR A 263 -19.65 -18.45 -5.79
N SER A 264 -18.80 -17.94 -4.91
CA SER A 264 -18.97 -16.59 -4.38
C SER A 264 -18.95 -15.55 -5.50
N GLU A 265 -19.62 -14.42 -5.24
CA GLU A 265 -19.53 -13.30 -6.16
C GLU A 265 -18.10 -12.80 -6.26
N GLU A 266 -17.32 -12.92 -5.17
CA GLU A 266 -15.91 -12.56 -5.22
C GLU A 266 -15.20 -13.31 -6.35
N LEU A 267 -15.42 -14.62 -6.43
CA LEU A 267 -14.82 -15.41 -7.50
C LEU A 267 -15.38 -15.02 -8.86
N ARG A 268 -16.72 -15.05 -9.00
CA ARG A 268 -17.34 -14.77 -10.28
C ARG A 268 -16.87 -13.45 -10.86
N GLN A 269 -16.72 -12.43 -10.02
CA GLN A 269 -16.25 -11.13 -10.50
C GLN A 269 -14.77 -11.16 -10.85
N LEU A 270 -13.98 -11.98 -10.15
CA LEU A 270 -12.57 -12.12 -10.51
C LEU A 270 -12.41 -12.75 -11.89
N VAL A 271 -13.36 -13.61 -12.28
CA VAL A 271 -13.34 -14.18 -13.63
C VAL A 271 -13.69 -13.10 -14.65
N ASN A 272 -14.83 -12.43 -14.46
CA ASN A 272 -15.19 -11.32 -15.33
C ASN A 272 -14.05 -10.31 -15.43
N MET A 273 -13.32 -10.11 -14.33
CA MET A 273 -12.24 -9.14 -14.30
C MET A 273 -11.09 -9.56 -15.21
N CYS A 274 -10.69 -10.84 -15.15
CA CYS A 274 -9.57 -11.31 -15.93
C CYS A 274 -9.96 -11.58 -17.38
N ILE A 275 -11.17 -12.09 -17.61
CA ILE A 275 -11.65 -12.34 -18.97
C ILE A 275 -12.26 -11.05 -19.49
N ASN A 276 -11.45 -10.00 -19.57
CA ASN A 276 -11.88 -8.72 -20.11
C ASN A 276 -11.17 -8.49 -21.43
N PRO A 277 -11.89 -8.23 -22.53
CA PRO A 277 -11.21 -8.08 -23.83
C PRO A 277 -10.07 -7.07 -23.81
N ASP A 278 -10.33 -5.86 -23.32
CA ASP A 278 -9.31 -4.82 -23.30
C ASP A 278 -8.25 -5.15 -22.25
N PRO A 279 -7.00 -5.36 -22.64
CA PRO A 279 -5.99 -5.74 -21.63
C PRO A 279 -5.78 -4.68 -20.56
N GLU A 280 -6.04 -3.41 -20.86
CA GLU A 280 -5.81 -2.35 -19.89
C GLU A 280 -6.70 -2.50 -18.66
N LYS A 281 -7.92 -3.02 -18.83
CA LYS A 281 -8.86 -3.12 -17.72
C LYS A 281 -8.56 -4.27 -16.79
N ARG A 282 -7.76 -5.25 -17.22
CA ARG A 282 -7.47 -6.40 -16.39
C ARG A 282 -6.58 -5.98 -15.22
N PRO A 283 -6.45 -6.82 -14.20
CA PRO A 283 -5.62 -6.48 -13.05
C PRO A 283 -4.21 -7.03 -13.17
N ASP A 284 -3.33 -6.47 -12.35
CA ASP A 284 -1.98 -7.00 -12.22
C ASP A 284 -2.02 -8.34 -11.48
N VAL A 285 -1.07 -9.21 -11.81
CA VAL A 285 -1.02 -10.52 -11.18
C VAL A 285 -1.03 -10.41 -9.66
N THR A 286 -0.47 -9.32 -9.12
CA THR A 286 -0.45 -9.14 -7.67
C THR A 286 -1.86 -9.04 -7.11
N TYR A 287 -2.66 -8.12 -7.63
CA TYR A 287 -4.03 -7.97 -7.14
C TYR A 287 -4.78 -9.30 -7.18
N VAL A 288 -4.64 -10.04 -8.28
CA VAL A 288 -5.23 -11.37 -8.35
C VAL A 288 -4.63 -12.26 -7.27
N TYR A 289 -3.31 -12.20 -7.11
CA TYR A 289 -2.65 -12.99 -6.08
C TYR A 289 -3.16 -12.62 -4.69
N ASP A 290 -3.37 -11.33 -4.45
CA ASP A 290 -3.83 -10.89 -3.12
C ASP A 290 -5.26 -11.36 -2.86
N VAL A 291 -6.12 -11.35 -3.88
CA VAL A 291 -7.49 -11.79 -3.71
C VAL A 291 -7.53 -13.28 -3.31
N ALA A 292 -6.78 -14.10 -4.03
CA ALA A 292 -6.76 -15.53 -3.73
C ALA A 292 -6.31 -15.78 -2.30
N LYS A 293 -5.21 -15.14 -1.89
CA LYS A 293 -4.74 -15.26 -0.52
C LYS A 293 -5.85 -14.93 0.47
N ARG A 294 -6.44 -13.74 0.33
CA ARG A 294 -7.53 -13.34 1.22
C ARG A 294 -8.68 -14.33 1.16
N MET A 295 -9.07 -14.75 -0.05
CA MET A 295 -10.20 -15.65 -0.18
C MET A 295 -9.84 -17.07 0.27
N HIS A 296 -8.58 -17.47 0.09
CA HIS A 296 -8.14 -18.77 0.59
C HIS A 296 -8.29 -18.84 2.11
N ALA A 297 -8.02 -17.74 2.80
CA ALA A 297 -8.17 -17.71 4.25
C ALA A 297 -9.64 -17.74 4.66
N CYS A 298 -10.48 -16.98 3.94
CA CYS A 298 -11.90 -16.96 4.27
C CYS A 298 -12.50 -18.36 4.20
N THR A 299 -12.26 -19.07 3.10
CA THR A 299 -12.74 -20.44 2.93
C THR A 299 -11.68 -21.39 3.47
N ALA A 300 -11.66 -21.54 4.79
CA ALA A 300 -10.70 -22.39 5.46
C ALA A 300 -11.19 -23.84 5.51
N LYS B 20 -50.71 37.10 1.37
CA LYS B 20 -51.38 36.05 2.13
C LYS B 20 -51.01 36.11 3.60
N ALA B 21 -51.62 35.24 4.41
CA ALA B 21 -51.36 35.18 5.83
C ALA B 21 -51.17 33.73 6.26
N LEU B 22 -50.50 33.55 7.40
CA LEU B 22 -50.19 32.22 7.89
C LEU B 22 -51.47 31.52 8.34
N ARG B 23 -51.74 30.35 7.76
CA ARG B 23 -52.88 29.52 8.11
C ARG B 23 -52.38 28.23 8.73
N PRO B 24 -52.17 28.17 10.05
CA PRO B 24 -51.57 26.97 10.66
C PRO B 24 -52.46 25.72 10.56
N ASP B 25 -53.71 25.85 10.12
CA ASP B 25 -54.56 24.67 9.98
C ASP B 25 -53.96 23.66 9.03
N MET B 26 -53.33 24.14 7.95
CA MET B 26 -52.71 23.25 6.98
C MET B 26 -51.34 22.77 7.45
N GLY B 27 -50.55 23.65 8.02
CA GLY B 27 -49.19 23.32 8.45
C GLY B 27 -48.20 23.52 7.32
N TYR B 28 -47.49 22.46 6.95
CA TYR B 28 -46.52 22.48 5.86
C TYR B 28 -47.16 22.30 4.49
N ASN B 29 -48.46 22.57 4.34
CA ASN B 29 -49.18 22.27 3.11
C ASN B 29 -49.70 23.51 2.39
N THR B 30 -49.08 24.66 2.62
CA THR B 30 -49.41 25.86 1.85
C THR B 30 -48.17 26.73 1.75
N LEU B 31 -47.92 27.25 0.54
CA LEU B 31 -46.77 28.12 0.31
C LEU B 31 -46.86 29.43 1.08
N ALA B 32 -48.01 29.75 1.66
CA ALA B 32 -48.14 30.98 2.45
C ALA B 32 -47.36 30.91 3.75
N ASN B 33 -47.03 29.72 4.23
CA ASN B 33 -46.36 29.55 5.51
C ASN B 33 -44.83 29.61 5.41
N PHE B 34 -44.29 29.76 4.20
CA PHE B 34 -42.85 29.82 4.00
C PHE B 34 -42.47 31.17 3.43
N ARG B 35 -41.21 31.55 3.67
CA ARG B 35 -40.62 32.78 3.12
C ARG B 35 -39.50 32.37 2.17
N ILE B 36 -39.75 32.48 0.87
CA ILE B 36 -38.76 32.10 -0.13
C ILE B 36 -37.59 33.08 -0.05
N GLU B 37 -36.38 32.55 0.16
CA GLU B 37 -35.19 33.39 0.29
C GLU B 37 -34.50 33.56 -1.05
N LYS B 38 -33.93 32.49 -1.59
CA LYS B 38 -33.19 32.54 -2.84
C LYS B 38 -33.40 31.25 -3.62
N LYS B 39 -33.25 31.35 -4.93
CA LYS B 39 -33.33 30.17 -5.80
C LYS B 39 -31.98 29.45 -5.77
N ILE B 40 -31.97 28.20 -5.33
CA ILE B 40 -30.73 27.44 -5.26
C ILE B 40 -30.32 26.97 -6.64
N GLY B 41 -31.17 26.19 -7.30
CA GLY B 41 -30.85 25.65 -8.60
C GLY B 41 -32.10 25.34 -9.38
N ARG B 42 -31.92 25.19 -10.69
CA ARG B 42 -33.01 24.89 -11.61
C ARG B 42 -32.66 23.61 -12.37
N GLY B 43 -33.37 22.53 -12.05
CA GLY B 43 -33.17 21.29 -12.76
C GLY B 43 -33.89 21.26 -14.09
N GLN B 44 -33.54 20.26 -14.91
CA GLN B 44 -34.23 20.07 -16.17
C GLN B 44 -35.70 19.69 -15.99
N PHE B 45 -36.12 19.41 -14.75
CA PHE B 45 -37.49 19.03 -14.45
C PHE B 45 -38.21 20.05 -13.58
N SER B 46 -37.56 20.57 -12.55
CA SER B 46 -38.21 21.53 -11.65
C SER B 46 -37.16 22.48 -11.08
N GLU B 47 -37.64 23.62 -10.60
CA GLU B 47 -36.79 24.59 -9.94
C GLU B 47 -36.81 24.38 -8.43
N VAL B 48 -35.77 24.87 -7.77
CA VAL B 48 -35.60 24.71 -6.33
C VAL B 48 -35.26 26.05 -5.72
N TYR B 49 -35.82 26.32 -4.54
CA TYR B 49 -35.57 27.55 -3.80
C TYR B 49 -35.28 27.22 -2.35
N ARG B 50 -34.49 28.10 -1.71
CA ARG B 50 -34.33 28.05 -0.27
C ARG B 50 -35.39 28.92 0.39
N ALA B 51 -35.90 28.44 1.53
CA ALA B 51 -36.95 29.17 2.23
C ALA B 51 -36.83 28.88 3.72
N ALA B 52 -37.64 29.60 4.50
CA ALA B 52 -37.67 29.45 5.95
C ALA B 52 -39.13 29.28 6.38
N CYS B 53 -39.43 28.19 7.07
CA CYS B 53 -40.79 27.90 7.51
C CYS B 53 -41.18 28.87 8.61
N LEU B 54 -42.27 29.62 8.39
CA LEU B 54 -42.71 30.60 9.38
C LEU B 54 -43.36 29.95 10.60
N LEU B 55 -43.80 28.69 10.48
CA LEU B 55 -44.44 28.03 11.61
C LEU B 55 -43.43 27.58 12.65
N ASP B 56 -42.23 27.19 12.23
CA ASP B 56 -41.20 26.74 13.16
C ASP B 56 -39.82 27.34 12.88
N GLY B 57 -39.63 28.05 11.77
CA GLY B 57 -38.35 28.68 11.49
C GLY B 57 -37.29 27.78 10.91
N VAL B 58 -37.60 26.51 10.66
CA VAL B 58 -36.61 25.57 10.12
C VAL B 58 -36.39 25.87 8.64
N PRO B 59 -35.16 26.17 8.21
CA PRO B 59 -34.92 26.40 6.78
C PRO B 59 -35.15 25.13 5.98
N VAL B 60 -36.08 25.18 5.03
CA VAL B 60 -36.42 24.05 4.18
C VAL B 60 -36.11 24.42 2.73
N ALA B 61 -36.10 23.41 1.87
CA ALA B 61 -35.86 23.57 0.44
C ALA B 61 -37.06 22.99 -0.31
N LEU B 62 -37.70 23.83 -1.13
CA LEU B 62 -38.93 23.46 -1.83
C LEU B 62 -38.64 23.20 -3.29
N LYS B 63 -39.19 22.10 -3.81
CA LYS B 63 -39.08 21.74 -5.22
C LYS B 63 -40.39 22.07 -5.92
N LYS B 64 -40.34 23.00 -6.86
CA LYS B 64 -41.52 23.43 -7.60
C LYS B 64 -41.53 22.76 -8.96
N VAL B 65 -42.48 21.86 -9.18
CA VAL B 65 -42.66 21.16 -10.44
C VAL B 65 -43.86 21.74 -11.16
N GLN B 66 -43.68 22.06 -12.44
CA GLN B 66 -44.78 22.54 -13.28
C GLN B 66 -45.63 21.36 -13.75
N ILE B 67 -46.21 20.66 -12.77
CA ILE B 67 -47.01 19.47 -13.06
C ILE B 67 -48.24 19.83 -13.88
N PHE B 68 -48.70 21.08 -13.81
CA PHE B 68 -49.84 21.50 -14.62
C PHE B 68 -49.66 21.07 -16.07
N ASP B 69 -48.49 21.37 -16.64
CA ASP B 69 -48.13 20.83 -17.95
C ASP B 69 -47.63 19.40 -17.77
N LEU B 70 -48.13 18.50 -18.63
CA LEU B 70 -47.82 17.08 -18.55
C LEU B 70 -48.51 16.41 -17.35
N MET B 71 -49.66 16.95 -16.95
CA MET B 71 -50.46 16.37 -15.87
C MET B 71 -51.51 15.39 -16.38
N ASP B 72 -51.31 14.82 -17.57
CA ASP B 72 -52.31 13.93 -18.15
C ASP B 72 -52.47 12.67 -17.29
N ALA B 73 -53.55 11.95 -17.54
CA ALA B 73 -53.82 10.73 -16.81
C ALA B 73 -52.72 9.70 -17.05
N LYS B 74 -52.53 8.82 -16.08
CA LYS B 74 -51.49 7.79 -16.13
C LYS B 74 -50.09 8.38 -16.21
N ALA B 75 -49.93 9.62 -15.77
CA ALA B 75 -48.63 10.29 -15.78
C ALA B 75 -48.42 11.06 -14.48
N ARG B 76 -49.24 12.11 -14.28
CA ARG B 76 -49.17 12.85 -13.03
C ARG B 76 -49.62 11.99 -11.85
N ALA B 77 -50.47 11.00 -12.10
CA ALA B 77 -50.90 10.12 -11.01
C ALA B 77 -49.75 9.26 -10.51
N ASP B 78 -48.93 8.74 -11.41
CA ASP B 78 -47.76 7.98 -11.00
C ASP B 78 -46.81 8.83 -10.16
N CYS B 79 -46.70 10.12 -10.49
CA CYS B 79 -45.88 11.02 -9.69
C CYS B 79 -46.34 11.03 -8.24
N ILE B 80 -47.66 11.14 -8.03
CA ILE B 80 -48.20 11.10 -6.67
C ILE B 80 -47.88 9.76 -6.01
N LYS B 81 -47.97 8.67 -6.78
CA LYS B 81 -47.61 7.36 -6.24
C LYS B 81 -46.15 7.33 -5.81
N GLU B 82 -45.27 7.97 -6.57
CA GLU B 82 -43.86 8.03 -6.20
C GLU B 82 -43.68 8.89 -4.95
N ILE B 83 -44.43 9.99 -4.84
CA ILE B 83 -44.29 10.87 -3.68
C ILE B 83 -44.67 10.13 -2.41
N ASP B 84 -45.71 9.29 -2.47
CA ASP B 84 -46.12 8.54 -1.30
C ASP B 84 -45.04 7.56 -0.86
N LEU B 85 -44.36 6.92 -1.82
CA LEU B 85 -43.29 5.99 -1.48
C LEU B 85 -42.14 6.71 -0.79
N HIS B 86 -41.71 7.85 -1.34
CA HIS B 86 -40.59 8.59 -0.77
C HIS B 86 -40.92 9.09 0.64
N LYS B 87 -42.21 9.27 0.95
CA LYS B 87 -42.60 9.74 2.28
C LYS B 87 -42.41 8.68 3.35
N GLN B 88 -42.34 7.41 2.97
CA GLN B 88 -42.21 6.33 3.95
C GLN B 88 -40.78 6.07 4.36
N LEU B 89 -39.81 6.55 3.59
CA LEU B 89 -38.40 6.31 3.90
C LEU B 89 -37.94 7.24 5.01
N ASN B 90 -37.36 6.66 6.06
CA ASN B 90 -36.75 7.41 7.17
C ASN B 90 -35.35 6.85 7.34
N HIS B 91 -34.37 7.48 6.70
CA HIS B 91 -33.01 6.98 6.64
C HIS B 91 -32.03 8.13 6.79
N PRO B 92 -30.88 7.90 7.42
CA PRO B 92 -29.95 9.02 7.63
C PRO B 92 -29.30 9.52 6.35
N ASN B 93 -29.20 8.68 5.32
CA ASN B 93 -28.54 9.05 4.08
C ASN B 93 -29.52 9.30 2.95
N VAL B 94 -30.78 9.60 3.28
CA VAL B 94 -31.78 10.03 2.31
C VAL B 94 -32.41 11.30 2.86
N ILE B 95 -32.33 12.39 2.09
CA ILE B 95 -32.79 13.69 2.58
C ILE B 95 -34.21 13.56 3.10
N LYS B 96 -34.43 14.07 4.31
CA LYS B 96 -35.74 13.99 4.93
C LYS B 96 -36.79 14.71 4.07
N PHE B 97 -38.00 14.18 4.08
CA PHE B 97 -39.12 14.74 3.34
C PHE B 97 -40.14 15.24 4.35
N TYR B 98 -40.50 16.53 4.24
CA TYR B 98 -41.36 17.17 5.22
C TYR B 98 -42.82 17.23 4.79
N ALA B 99 -43.09 17.57 3.53
CA ALA B 99 -44.48 17.68 3.09
C ALA B 99 -44.52 17.79 1.57
N SER B 100 -45.59 17.24 0.99
CA SER B 100 -45.86 17.35 -0.44
C SER B 100 -47.28 17.86 -0.62
N PHE B 101 -47.41 19.05 -1.21
CA PHE B 101 -48.70 19.66 -1.43
C PHE B 101 -48.73 20.29 -2.80
N ILE B 102 -49.93 20.45 -3.35
CA ILE B 102 -50.14 21.08 -4.64
C ILE B 102 -51.01 22.31 -4.43
N GLU B 103 -50.55 23.46 -4.93
CA GLU B 103 -51.27 24.71 -4.77
C GLU B 103 -50.90 25.64 -5.91
N ASP B 104 -51.90 26.34 -6.45
CA ASP B 104 -51.69 27.28 -7.54
C ASP B 104 -51.22 26.57 -8.81
N ASN B 105 -51.81 25.40 -9.08
CA ASN B 105 -51.49 24.63 -10.28
C ASN B 105 -49.99 24.34 -10.36
N GLU B 106 -49.37 24.11 -9.21
CA GLU B 106 -47.96 23.79 -9.15
C GLU B 106 -47.71 22.88 -7.95
N LEU B 107 -46.98 21.79 -8.19
CA LEU B 107 -46.68 20.83 -7.14
C LEU B 107 -45.41 21.26 -6.40
N ASN B 108 -45.48 21.28 -5.08
CA ASN B 108 -44.38 21.69 -4.22
C ASN B 108 -43.99 20.55 -3.29
N ILE B 109 -42.70 20.21 -3.28
CA ILE B 109 -42.16 19.19 -2.38
C ILE B 109 -41.15 19.87 -1.48
N VAL B 110 -41.36 19.76 -0.17
CA VAL B 110 -40.52 20.43 0.81
C VAL B 110 -39.65 19.37 1.48
N LEU B 111 -38.37 19.36 1.13
CA LEU B 111 -37.39 18.45 1.71
C LEU B 111 -36.44 19.24 2.61
N GLU B 112 -35.51 18.53 3.24
CA GLU B 112 -34.53 19.19 4.09
C GLU B 112 -33.49 19.90 3.22
N LEU B 113 -32.85 20.90 3.82
CA LEU B 113 -31.87 21.73 3.13
C LEU B 113 -30.46 21.27 3.50
N ALA B 114 -29.70 20.84 2.50
CA ALA B 114 -28.33 20.41 2.71
C ALA B 114 -27.42 21.63 2.83
N ASP B 115 -26.65 21.68 3.90
CA ASP B 115 -25.71 22.79 4.12
C ASP B 115 -24.84 23.00 2.89
N ALA B 116 -23.94 22.07 2.61
CA ALA B 116 -23.16 22.11 1.39
C ALA B 116 -23.99 21.60 0.22
N GLY B 117 -23.86 22.26 -0.92
CA GLY B 117 -24.72 21.99 -2.06
C GLY B 117 -24.55 20.61 -2.66
N ASP B 118 -25.07 20.43 -3.87
CA ASP B 118 -25.02 19.14 -4.54
C ASP B 118 -23.58 18.70 -4.76
N LEU B 119 -23.41 17.39 -4.99
CA LEU B 119 -22.07 16.85 -5.23
C LEU B 119 -21.46 17.45 -6.50
N SER B 120 -22.28 17.72 -7.51
CA SER B 120 -21.76 18.27 -8.76
C SER B 120 -20.97 19.55 -8.50
N ARG B 121 -21.45 20.40 -7.58
CA ARG B 121 -20.71 21.60 -7.24
C ARG B 121 -19.36 21.27 -6.64
N MET B 122 -19.30 20.20 -5.83
CA MET B 122 -18.03 19.79 -5.25
C MET B 122 -17.06 19.29 -6.31
N ILE B 123 -17.57 18.61 -7.35
CA ILE B 123 -16.72 18.12 -8.41
C ILE B 123 -16.19 19.27 -9.26
N LYS B 124 -17.09 20.17 -9.66
CA LYS B 124 -16.65 21.37 -10.38
C LYS B 124 -15.62 22.14 -9.57
N HIS B 125 -15.88 22.32 -8.28
CA HIS B 125 -14.94 22.96 -7.36
C HIS B 125 -13.55 22.35 -7.50
N PHE B 126 -13.44 21.05 -7.22
CA PHE B 126 -12.13 20.39 -7.26
C PHE B 126 -11.53 20.39 -8.65
N LYS B 127 -12.36 20.27 -9.70
CA LYS B 127 -11.81 20.28 -11.05
C LYS B 127 -11.30 21.65 -11.43
N LYS B 128 -11.91 22.72 -10.91
CA LYS B 128 -11.43 24.07 -11.18
C LYS B 128 -10.00 24.24 -10.67
N GLN B 129 -9.76 23.88 -9.41
CA GLN B 129 -8.44 24.02 -8.81
C GLN B 129 -7.47 22.93 -9.25
N LYS B 130 -7.88 22.02 -10.13
CA LYS B 130 -7.02 20.95 -10.63
C LYS B 130 -6.52 20.07 -9.48
N ARG B 131 -7.45 19.64 -8.64
CA ARG B 131 -7.15 18.78 -7.50
C ARG B 131 -8.07 17.57 -7.53
N LEU B 132 -7.49 16.38 -7.43
CA LEU B 132 -8.28 15.16 -7.39
C LEU B 132 -8.85 14.95 -5.99
N ILE B 133 -9.95 14.21 -5.93
CA ILE B 133 -10.54 13.85 -4.64
C ILE B 133 -9.71 12.73 -4.01
N PRO B 134 -9.24 12.90 -2.77
CA PRO B 134 -8.47 11.81 -2.15
C PRO B 134 -9.29 10.53 -2.06
N GLU B 135 -8.62 9.40 -2.28
CA GLU B 135 -9.32 8.12 -2.23
C GLU B 135 -9.93 7.85 -0.86
N ARG B 136 -9.34 8.42 0.20
CA ARG B 136 -9.85 8.18 1.53
C ARG B 136 -11.23 8.80 1.73
N THR B 137 -11.49 9.96 1.10
CA THR B 137 -12.79 10.59 1.22
C THR B 137 -13.80 10.01 0.24
N VAL B 138 -13.33 9.52 -0.92
CA VAL B 138 -14.23 8.87 -1.87
C VAL B 138 -14.98 7.73 -1.19
N TRP B 139 -14.25 6.87 -0.47
CA TRP B 139 -14.89 5.80 0.28
C TRP B 139 -15.75 6.37 1.40
N LYS B 140 -15.31 7.46 2.03
CA LYS B 140 -16.08 8.08 3.10
C LYS B 140 -17.50 8.41 2.62
N TYR B 141 -17.61 9.04 1.45
CA TYR B 141 -18.92 9.33 0.88
C TYR B 141 -19.57 8.10 0.28
N PHE B 142 -18.80 7.29 -0.44
CA PHE B 142 -19.38 6.17 -1.18
C PHE B 142 -20.04 5.16 -0.26
N VAL B 143 -19.41 4.88 0.89
CA VAL B 143 -20.01 3.96 1.86
C VAL B 143 -21.43 4.42 2.21
N GLN B 144 -21.56 5.70 2.55
CA GLN B 144 -22.88 6.24 2.89
C GLN B 144 -23.84 6.07 1.73
N LEU B 145 -23.40 6.41 0.52
CA LEU B 145 -24.26 6.28 -0.65
C LEU B 145 -24.75 4.86 -0.82
N CYS B 146 -23.85 3.88 -0.67
CA CYS B 146 -24.25 2.49 -0.77
C CYS B 146 -25.26 2.12 0.31
N SER B 147 -24.99 2.55 1.56
CA SER B 147 -25.89 2.23 2.66
C SER B 147 -27.32 2.60 2.34
N ALA B 148 -27.53 3.78 1.75
CA ALA B 148 -28.89 4.20 1.41
C ALA B 148 -29.47 3.33 0.30
N LEU B 149 -28.66 2.95 -0.68
CA LEU B 149 -29.15 2.12 -1.77
C LEU B 149 -29.46 0.71 -1.28
N GLU B 150 -28.64 0.19 -0.37
CA GLU B 150 -28.95 -1.10 0.26
C GLU B 150 -30.28 -1.03 0.99
N HIS B 151 -30.53 0.06 1.71
CA HIS B 151 -31.77 0.21 2.45
C HIS B 151 -32.98 0.18 1.52
N MET B 152 -32.85 0.79 0.34
CA MET B 152 -33.96 0.84 -0.61
C MET B 152 -34.08 -0.46 -1.41
N HIS B 153 -32.95 -1.02 -1.85
CA HIS B 153 -33.00 -2.26 -2.61
C HIS B 153 -33.50 -3.42 -1.73
N SER B 154 -33.11 -3.43 -0.45
CA SER B 154 -33.61 -4.45 0.45
C SER B 154 -35.13 -4.40 0.55
N ARG B 155 -35.72 -3.21 0.44
CA ARG B 155 -37.16 -3.04 0.46
C ARG B 155 -37.77 -3.03 -0.94
N ARG B 156 -37.03 -3.48 -1.94
CA ARG B 156 -37.54 -3.58 -3.31
C ARG B 156 -37.90 -2.20 -3.86
N VAL B 157 -36.97 -1.26 -3.70
CA VAL B 157 -37.14 0.10 -4.20
C VAL B 157 -35.90 0.47 -5.01
N MET B 158 -36.11 1.03 -6.20
CA MET B 158 -35.03 1.53 -7.04
C MET B 158 -35.03 3.04 -6.99
N HIS B 159 -33.85 3.63 -6.80
CA HIS B 159 -33.76 5.09 -6.77
C HIS B 159 -34.09 5.67 -8.12
N ARG B 160 -33.54 5.11 -9.20
CA ARG B 160 -33.89 5.48 -10.55
C ARG B 160 -33.24 6.80 -10.97
N ASP B 161 -32.68 7.58 -10.03
CA ASP B 161 -32.07 8.88 -10.33
C ASP B 161 -30.85 9.05 -9.43
N ILE B 162 -29.77 8.37 -9.78
CA ILE B 162 -28.51 8.44 -9.06
C ILE B 162 -27.53 9.20 -9.95
N LYS B 163 -27.14 10.39 -9.51
CA LYS B 163 -26.25 11.25 -10.28
C LYS B 163 -25.66 12.29 -9.35
N PRO B 164 -24.50 12.87 -9.71
CA PRO B 164 -23.90 13.88 -8.82
C PRO B 164 -24.85 15.03 -8.51
N ALA B 165 -25.65 15.45 -9.48
CA ALA B 165 -26.59 16.55 -9.25
C ALA B 165 -27.63 16.20 -8.20
N ASN B 166 -27.84 14.91 -7.92
CA ASN B 166 -28.86 14.46 -6.98
C ASN B 166 -28.26 13.80 -5.75
N VAL B 167 -27.05 14.19 -5.37
CA VAL B 167 -26.42 13.75 -4.14
C VAL B 167 -25.90 14.97 -3.41
N PHE B 168 -26.14 15.02 -2.10
CA PHE B 168 -25.90 16.22 -1.32
C PHE B 168 -25.05 15.90 -0.10
N ILE B 169 -24.36 16.93 0.38
CA ILE B 169 -23.39 16.81 1.45
C ILE B 169 -23.69 17.88 2.50
N THR B 170 -23.62 17.48 3.77
CA THR B 170 -23.72 18.44 4.87
C THR B 170 -22.32 18.77 5.37
N ALA B 171 -22.26 19.67 6.35
CA ALA B 171 -20.96 20.11 6.87
C ALA B 171 -20.25 19.01 7.65
N THR B 172 -20.99 18.02 8.16
CA THR B 172 -20.39 16.95 8.95
C THR B 172 -19.78 15.85 8.10
N GLY B 173 -19.99 15.88 6.78
CA GLY B 173 -19.51 14.84 5.90
C GLY B 173 -20.55 13.78 5.57
N VAL B 174 -21.73 13.83 6.18
CA VAL B 174 -22.78 12.89 5.86
C VAL B 174 -23.31 13.18 4.46
N VAL B 175 -23.56 12.13 3.68
CA VAL B 175 -24.04 12.24 2.31
C VAL B 175 -25.49 11.78 2.26
N LYS B 176 -26.30 12.49 1.50
CA LYS B 176 -27.73 12.19 1.39
C LYS B 176 -28.13 12.22 -0.08
N LEU B 177 -28.78 11.14 -0.53
CA LEU B 177 -29.35 11.08 -1.86
C LEU B 177 -30.86 10.90 -1.74
N GLY B 178 -31.60 11.46 -2.69
CA GLY B 178 -33.04 11.35 -2.65
C GLY B 178 -33.66 12.05 -3.84
N ASP B 179 -34.96 12.32 -3.72
CA ASP B 179 -35.72 13.05 -4.73
C ASP B 179 -35.50 12.42 -6.11
N PHE B 180 -36.13 11.25 -6.29
CA PHE B 180 -36.01 10.52 -7.55
C PHE B 180 -37.05 11.02 -8.56
N GLY B 181 -36.92 12.30 -8.90
CA GLY B 181 -37.83 12.93 -9.83
C GLY B 181 -37.47 12.72 -11.28
N LEU B 182 -37.96 11.64 -11.89
CA LEU B 182 -37.72 11.33 -13.28
C LEU B 182 -38.87 11.85 -14.13
N GLY B 183 -39.07 11.27 -15.30
CA GLY B 183 -40.17 11.67 -16.18
C GLY B 183 -40.64 10.55 -17.08
N VAL B 197 -26.20 16.22 -21.44
CA VAL B 197 -26.96 15.63 -22.52
C VAL B 197 -28.45 15.90 -22.32
N GLY B 198 -29.23 15.73 -23.39
CA GLY B 198 -30.67 15.93 -23.29
C GLY B 198 -31.34 14.86 -22.45
N THR B 199 -30.96 13.61 -22.66
CA THR B 199 -31.42 12.50 -21.84
C THR B 199 -30.70 12.53 -20.51
N PRO B 200 -31.16 11.77 -19.48
CA PRO B 200 -30.52 11.87 -18.16
C PRO B 200 -29.01 11.69 -18.24
N TYR B 201 -28.30 12.06 -17.17
CA TYR B 201 -26.84 12.02 -17.21
C TYR B 201 -26.33 10.64 -17.61
N TYR B 202 -26.91 9.59 -17.04
CA TYR B 202 -26.51 8.21 -17.34
C TYR B 202 -27.70 7.46 -17.93
N MET B 203 -27.75 7.35 -19.25
CA MET B 203 -28.70 6.48 -19.93
C MET B 203 -28.10 5.07 -19.97
N SER B 204 -28.58 4.20 -19.08
CA SER B 204 -27.98 2.89 -18.90
C SER B 204 -28.21 2.01 -20.13
N PRO B 205 -27.33 1.02 -20.36
CA PRO B 205 -27.49 0.16 -21.55
C PRO B 205 -28.89 -0.42 -21.68
N GLU B 206 -29.48 -0.86 -20.56
CA GLU B 206 -30.85 -1.33 -20.58
C GLU B 206 -31.78 -0.25 -21.09
N ARG B 207 -31.61 0.98 -20.61
CA ARG B 207 -32.43 2.09 -21.09
C ARG B 207 -32.23 2.34 -22.57
N ILE B 208 -31.05 2.01 -23.10
CA ILE B 208 -30.82 2.11 -24.54
C ILE B 208 -31.70 1.11 -25.28
N HIS B 209 -31.68 -0.14 -24.83
CA HIS B 209 -32.47 -1.21 -25.45
C HIS B 209 -33.82 -1.30 -24.74
N GLU B 210 -34.47 -2.46 -24.80
CA GLU B 210 -35.82 -2.63 -24.29
C GLU B 210 -35.87 -3.49 -23.03
N ASN B 211 -34.76 -3.61 -22.30
CA ASN B 211 -34.78 -4.36 -21.05
C ASN B 211 -35.57 -3.63 -19.97
N GLY B 212 -35.52 -2.30 -19.96
CA GLY B 212 -36.20 -1.51 -18.96
C GLY B 212 -35.35 -1.28 -17.73
N TYR B 213 -35.78 -0.33 -16.91
CA TYR B 213 -35.03 0.02 -15.71
C TYR B 213 -35.09 -1.14 -14.72
N ASN B 214 -33.94 -1.49 -14.15
CA ASN B 214 -33.79 -2.71 -13.36
C ASN B 214 -33.03 -2.38 -12.08
N PHE B 215 -33.06 -3.33 -11.14
CA PHE B 215 -32.24 -3.21 -9.95
C PHE B 215 -30.76 -3.12 -10.32
N LYS B 216 -30.30 -4.07 -11.13
CA LYS B 216 -28.89 -4.09 -11.55
C LYS B 216 -28.51 -2.81 -12.28
N SER B 217 -29.49 -2.14 -12.91
CA SER B 217 -29.22 -0.87 -13.56
C SER B 217 -28.80 0.20 -12.57
N ASP B 218 -29.35 0.17 -11.35
CA ASP B 218 -28.97 1.16 -10.35
C ASP B 218 -27.49 1.07 -10.02
N ILE B 219 -26.91 -0.12 -10.06
CA ILE B 219 -25.47 -0.28 -9.84
C ILE B 219 -24.69 0.46 -10.92
N TRP B 220 -25.18 0.42 -12.16
CA TRP B 220 -24.51 1.13 -13.24
C TRP B 220 -24.37 2.61 -12.92
N SER B 221 -25.49 3.27 -12.59
CA SER B 221 -25.45 4.67 -12.18
C SER B 221 -24.48 4.84 -11.01
N LEU B 222 -24.50 3.91 -10.07
CA LEU B 222 -23.58 3.99 -8.93
C LEU B 222 -22.13 3.86 -9.39
N GLY B 223 -21.88 2.97 -10.36
CA GLY B 223 -20.52 2.83 -10.87
C GLY B 223 -20.03 4.08 -11.56
N CYS B 224 -20.87 4.68 -12.43
CA CYS B 224 -20.49 5.91 -13.09
C CYS B 224 -20.25 7.03 -12.09
N LEU B 225 -21.02 7.05 -10.99
CA LEU B 225 -20.86 8.08 -9.99
C LEU B 225 -19.51 7.96 -9.28
N LEU B 226 -19.14 6.74 -8.88
CA LEU B 226 -17.83 6.53 -8.28
C LEU B 226 -16.72 6.96 -9.22
N TYR B 227 -16.89 6.71 -10.52
CA TYR B 227 -15.90 7.14 -11.51
C TYR B 227 -15.77 8.66 -11.51
N GLU B 228 -16.90 9.37 -11.53
CA GLU B 228 -16.85 10.82 -11.64
C GLU B 228 -16.12 11.44 -10.46
N MET B 229 -16.34 10.91 -9.25
CA MET B 229 -15.60 11.41 -8.10
C MET B 229 -14.10 11.29 -8.30
N ALA B 230 -13.66 10.19 -8.92
CA ALA B 230 -12.23 9.96 -9.09
C ALA B 230 -11.65 10.76 -10.24
N ALA B 231 -12.36 10.83 -11.37
CA ALA B 231 -11.87 11.53 -12.55
C ALA B 231 -12.50 12.91 -12.73
N LEU B 232 -13.53 13.26 -11.95
CA LEU B 232 -14.18 14.56 -12.03
C LEU B 232 -14.75 14.82 -13.42
N GLN B 233 -15.16 13.76 -14.11
CA GLN B 233 -15.84 13.89 -15.39
C GLN B 233 -16.56 12.58 -15.68
N SER B 234 -17.73 12.69 -16.29
CA SER B 234 -18.49 11.48 -16.64
C SER B 234 -17.61 10.57 -17.48
N PRO B 235 -17.71 9.24 -17.30
CA PRO B 235 -16.83 8.33 -18.05
C PRO B 235 -17.03 8.42 -19.55
N PHE B 236 -18.18 8.91 -20.01
CA PHE B 236 -18.51 8.95 -21.43
C PHE B 236 -18.67 10.37 -21.96
N TYR B 237 -18.09 11.35 -21.26
CA TYR B 237 -18.08 12.72 -21.77
C TYR B 237 -17.19 12.81 -23.00
N GLY B 238 -17.66 13.56 -24.00
CA GLY B 238 -16.92 13.71 -25.24
C GLY B 238 -17.00 15.14 -25.75
N ASP B 239 -16.25 15.38 -26.83
CA ASP B 239 -16.27 16.69 -27.46
C ASP B 239 -17.60 16.94 -28.18
N LYS B 240 -18.10 15.94 -28.89
CA LYS B 240 -19.38 16.01 -29.59
C LYS B 240 -20.37 15.12 -28.86
N MET B 241 -21.47 15.71 -28.40
CA MET B 241 -22.48 14.99 -27.62
C MET B 241 -23.60 14.55 -28.55
N ASN B 242 -23.33 13.50 -29.32
CA ASN B 242 -24.31 12.87 -30.18
C ASN B 242 -24.80 11.58 -29.53
N LEU B 243 -26.09 11.27 -29.72
CA LEU B 243 -26.69 10.13 -29.04
C LEU B 243 -26.13 8.81 -29.56
N TYR B 244 -25.77 8.73 -30.84
CA TYR B 244 -25.30 7.48 -31.41
C TYR B 244 -23.97 7.06 -30.81
N SER B 245 -22.97 7.95 -30.85
CA SER B 245 -21.64 7.60 -30.35
C SER B 245 -21.68 7.31 -28.86
N LEU B 246 -22.34 8.17 -28.08
CA LEU B 246 -22.47 7.94 -26.65
C LEU B 246 -23.12 6.59 -26.38
N CYS B 247 -24.26 6.31 -27.04
CA CYS B 247 -24.92 5.03 -26.86
C CYS B 247 -23.99 3.89 -27.26
N LYS B 248 -23.21 4.06 -28.33
CA LYS B 248 -22.26 3.04 -28.72
C LYS B 248 -21.16 2.87 -27.69
N LYS B 249 -20.64 3.98 -27.17
CA LYS B 249 -19.61 3.91 -26.13
C LYS B 249 -20.13 3.31 -24.83
N ILE B 250 -21.45 3.28 -24.64
CA ILE B 250 -22.02 2.58 -23.49
C ILE B 250 -22.16 1.09 -23.79
N GLU B 251 -22.56 0.75 -25.01
CA GLU B 251 -22.72 -0.65 -25.39
C GLU B 251 -21.39 -1.38 -25.27
N GLN B 252 -20.36 -0.88 -25.95
CA GLN B 252 -18.98 -1.31 -25.72
C GLN B 252 -18.33 -0.33 -24.75
N CYS B 253 -17.76 -0.86 -23.67
CA CYS B 253 -17.34 -0.03 -22.53
C CYS B 253 -16.01 0.66 -22.83
N ASP B 254 -16.10 1.72 -23.63
CA ASP B 254 -14.93 2.51 -24.02
C ASP B 254 -14.93 3.82 -23.23
N TYR B 255 -14.23 3.82 -22.10
CA TYR B 255 -13.98 5.00 -21.31
C TYR B 255 -12.51 5.05 -20.95
N PRO B 256 -11.97 6.24 -20.67
CA PRO B 256 -10.57 6.33 -20.25
C PRO B 256 -10.39 5.82 -18.83
N PRO B 257 -9.52 4.84 -18.61
CA PRO B 257 -9.29 4.35 -17.25
C PRO B 257 -8.79 5.45 -16.33
N LEU B 258 -8.76 5.13 -15.04
CA LEU B 258 -8.44 6.12 -14.01
C LEU B 258 -6.94 6.14 -13.73
N PRO B 259 -6.45 7.21 -13.10
CA PRO B 259 -5.02 7.26 -12.75
C PRO B 259 -4.62 6.10 -11.85
N SER B 260 -3.70 5.28 -12.36
CA SER B 260 -3.27 4.10 -11.61
C SER B 260 -2.55 4.49 -10.33
N ASP B 261 -1.81 5.60 -10.34
CA ASP B 261 -1.02 5.99 -9.18
C ASP B 261 -1.88 6.61 -8.08
N HIS B 262 -3.00 7.24 -8.44
CA HIS B 262 -3.81 7.96 -7.46
C HIS B 262 -4.92 7.12 -6.86
N TYR B 263 -5.37 6.06 -7.54
CA TYR B 263 -6.53 5.31 -7.10
C TYR B 263 -6.22 3.82 -7.11
N SER B 264 -6.67 3.13 -6.06
CA SER B 264 -6.31 1.74 -5.85
C SER B 264 -6.96 0.83 -6.90
N GLU B 265 -6.33 -0.33 -7.10
CA GLU B 265 -6.92 -1.34 -7.98
C GLU B 265 -8.28 -1.79 -7.46
N GLU B 266 -8.42 -1.93 -6.14
CA GLU B 266 -9.72 -2.27 -5.56
C GLU B 266 -10.80 -1.32 -6.06
N LEU B 267 -10.51 -0.01 -6.03
CA LEU B 267 -11.49 0.96 -6.51
C LEU B 267 -11.66 0.88 -8.01
N ARG B 268 -10.56 0.96 -8.76
CA ARG B 268 -10.64 0.97 -10.22
C ARG B 268 -11.39 -0.26 -10.73
N GLN B 269 -11.21 -1.40 -10.10
CA GLN B 269 -11.89 -2.62 -10.54
C GLN B 269 -13.36 -2.63 -10.11
N LEU B 270 -13.69 -1.94 -9.01
CA LEU B 270 -15.09 -1.80 -8.64
C LEU B 270 -15.86 -0.99 -9.68
N VAL B 271 -15.20 -0.02 -10.31
CA VAL B 271 -15.84 0.76 -11.37
C VAL B 271 -16.01 -0.11 -12.62
N ASN B 272 -14.92 -0.71 -13.10
CA ASN B 272 -15.02 -1.63 -14.24
C ASN B 272 -16.10 -2.67 -14.01
N MET B 273 -16.27 -3.10 -12.76
CA MET B 273 -17.23 -4.16 -12.46
C MET B 273 -18.67 -3.66 -12.56
N CYS B 274 -18.94 -2.47 -12.03
CA CYS B 274 -20.30 -1.93 -12.05
C CYS B 274 -20.67 -1.38 -13.42
N ILE B 275 -19.72 -0.82 -14.15
CA ILE B 275 -19.98 -0.30 -15.50
C ILE B 275 -19.76 -1.42 -16.49
N ASN B 276 -20.58 -2.47 -16.39
CA ASN B 276 -20.53 -3.60 -17.31
C ASN B 276 -21.76 -3.59 -18.20
N PRO B 277 -21.61 -3.63 -19.53
CA PRO B 277 -22.81 -3.56 -20.38
C PRO B 277 -23.86 -4.62 -20.08
N ASP B 278 -23.45 -5.84 -19.73
CA ASP B 278 -24.41 -6.90 -19.46
C ASP B 278 -24.88 -6.81 -18.01
N PRO B 279 -26.18 -6.59 -17.76
CA PRO B 279 -26.62 -6.41 -16.37
C PRO B 279 -26.34 -7.61 -15.48
N GLU B 280 -26.39 -8.83 -16.02
CA GLU B 280 -26.18 -10.02 -15.20
C GLU B 280 -24.75 -10.06 -14.65
N LYS B 281 -23.77 -9.61 -15.44
CA LYS B 281 -22.38 -9.62 -14.97
C LYS B 281 -22.21 -8.75 -13.75
N ARG B 282 -23.05 -7.74 -13.58
CA ARG B 282 -22.92 -6.78 -12.48
C ARG B 282 -23.13 -7.44 -11.12
N PRO B 283 -22.77 -6.75 -10.03
CA PRO B 283 -22.86 -7.36 -8.71
C PRO B 283 -24.13 -6.87 -8.03
N ASP B 284 -24.55 -7.49 -6.94
CA ASP B 284 -25.68 -6.93 -6.20
C ASP B 284 -25.20 -5.78 -5.29
N VAL B 285 -26.16 -4.94 -4.89
CA VAL B 285 -25.83 -3.78 -4.07
C VAL B 285 -25.10 -4.20 -2.79
N THR B 286 -25.41 -5.38 -2.27
CA THR B 286 -24.77 -5.82 -1.03
C THR B 286 -23.27 -5.98 -1.20
N TYR B 287 -22.85 -6.67 -2.27
CA TYR B 287 -21.42 -6.85 -2.52
C TYR B 287 -20.72 -5.50 -2.65
N VAL B 288 -21.28 -4.60 -3.46
CA VAL B 288 -20.72 -3.24 -3.56
C VAL B 288 -20.66 -2.60 -2.19
N TYR B 289 -21.74 -2.73 -1.41
CA TYR B 289 -21.76 -2.14 -0.08
C TYR B 289 -20.67 -2.73 0.81
N ASP B 290 -20.49 -4.05 0.77
CA ASP B 290 -19.46 -4.67 1.58
C ASP B 290 -18.07 -4.16 1.21
N VAL B 291 -17.79 -4.04 -0.09
CA VAL B 291 -16.50 -3.53 -0.54
C VAL B 291 -16.26 -2.15 0.04
N ALA B 292 -17.25 -1.27 -0.07
CA ALA B 292 -17.09 0.10 0.43
C ALA B 292 -16.77 0.09 1.92
N LYS B 293 -17.48 -0.73 2.71
CA LYS B 293 -17.23 -0.79 4.14
C LYS B 293 -15.80 -1.20 4.42
N ARG B 294 -15.32 -2.25 3.74
CA ARG B 294 -13.93 -2.68 3.92
C ARG B 294 -12.96 -1.57 3.56
N MET B 295 -13.11 -1.00 2.36
CA MET B 295 -12.18 0.02 1.90
C MET B 295 -12.28 1.29 2.74
N HIS B 296 -13.43 1.53 3.37
CA HIS B 296 -13.54 2.65 4.29
C HIS B 296 -12.69 2.42 5.54
N ALA B 297 -12.80 1.23 6.13
CA ALA B 297 -11.97 0.89 7.28
C ALA B 297 -10.50 0.91 6.91
N CYS B 298 -10.16 0.47 5.70
CA CYS B 298 -8.77 0.49 5.25
C CYS B 298 -8.23 1.91 5.22
N THR B 299 -9.03 2.86 4.73
CA THR B 299 -8.65 4.27 4.66
C THR B 299 -9.44 5.01 5.75
N ALA B 300 -8.94 4.93 6.98
CA ALA B 300 -9.58 5.59 8.11
C ALA B 300 -9.09 7.04 8.22
N MET C 26 19.95 0.40 -13.55
CA MET C 26 19.82 0.63 -12.12
C MET C 26 18.62 1.52 -11.81
N GLY C 27 18.57 2.03 -10.58
CA GLY C 27 17.49 2.90 -10.16
C GLY C 27 18.02 4.18 -9.53
N TYR C 28 17.33 5.29 -9.80
CA TYR C 28 17.86 6.61 -9.51
C TYR C 28 17.91 6.93 -8.02
N ASN C 29 17.40 6.06 -7.15
CA ASN C 29 17.34 6.40 -5.73
C ASN C 29 18.72 6.45 -5.08
N THR C 30 19.70 5.70 -5.61
CA THR C 30 21.00 5.57 -4.96
C THR C 30 21.95 6.69 -5.37
N LEU C 31 22.81 7.08 -4.43
CA LEU C 31 23.83 8.10 -4.71
C LEU C 31 24.85 7.62 -5.73
N ALA C 32 24.94 6.31 -5.97
CA ALA C 32 25.94 5.79 -6.90
C ALA C 32 25.76 6.37 -8.30
N ASN C 33 24.54 6.78 -8.65
CA ASN C 33 24.24 7.23 -10.01
C ASN C 33 24.45 8.73 -10.20
N PHE C 34 24.83 9.46 -9.15
CA PHE C 34 24.96 10.90 -9.21
C PHE C 34 26.43 11.29 -9.06
N ARG C 35 26.94 12.04 -10.04
CA ARG C 35 28.31 12.54 -10.02
C ARG C 35 28.28 13.95 -9.43
N ILE C 36 28.72 14.10 -8.18
CA ILE C 36 28.69 15.38 -7.51
C ILE C 36 29.62 16.35 -8.22
N GLU C 37 29.13 17.56 -8.48
CA GLU C 37 29.89 18.60 -9.18
C GLU C 37 30.50 19.62 -8.22
N LYS C 38 29.71 20.11 -7.27
CA LYS C 38 30.19 21.10 -6.32
C LYS C 38 29.13 21.32 -5.26
N LYS C 39 29.57 21.80 -4.09
CA LYS C 39 28.66 22.10 -3.00
C LYS C 39 28.05 23.49 -3.21
N ILE C 40 26.73 23.55 -3.36
CA ILE C 40 26.07 24.82 -3.63
C ILE C 40 25.97 25.66 -2.36
N GLY C 41 25.57 25.05 -1.26
CA GLY C 41 25.45 25.78 -0.01
C GLY C 41 25.12 24.86 1.13
N ARG C 42 25.31 25.36 2.35
CA ARG C 42 25.06 24.61 3.57
C ARG C 42 23.97 25.33 4.37
N GLY C 43 22.87 24.63 4.62
CA GLY C 43 21.77 25.19 5.37
C GLY C 43 22.01 25.09 6.87
N GLN C 44 20.91 25.14 7.61
CA GLN C 44 21.00 25.05 9.07
C GLN C 44 21.27 23.63 9.54
N PHE C 45 20.62 22.64 8.92
CA PHE C 45 20.81 21.24 9.27
C PHE C 45 20.80 20.37 8.02
N SER C 46 21.45 20.84 6.96
CA SER C 46 21.51 20.08 5.72
C SER C 46 22.58 20.70 4.82
N GLU C 47 23.11 19.88 3.92
CA GLU C 47 24.09 20.31 2.93
C GLU C 47 23.61 19.87 1.56
N VAL C 48 23.65 20.78 0.59
CA VAL C 48 23.14 20.53 -0.76
C VAL C 48 24.26 20.78 -1.75
N TYR C 49 24.46 19.83 -2.66
CA TYR C 49 25.47 19.93 -3.71
C TYR C 49 24.80 19.90 -5.07
N ARG C 50 25.51 20.42 -6.06
CA ARG C 50 25.12 20.29 -7.46
C ARG C 50 25.66 18.96 -8.00
N ALA C 51 24.81 18.25 -8.74
CA ALA C 51 25.19 16.94 -9.26
C ALA C 51 24.51 16.73 -10.60
N ALA C 52 24.91 15.66 -11.29
CA ALA C 52 24.35 15.27 -12.57
C ALA C 52 23.98 13.80 -12.53
N CYS C 53 22.72 13.50 -12.81
CA CYS C 53 22.25 12.11 -12.79
C CYS C 53 22.78 11.38 -14.02
N LEU C 54 23.57 10.33 -13.79
CA LEU C 54 24.16 9.58 -14.89
C LEU C 54 23.13 8.73 -15.62
N LEU C 55 21.96 8.50 -15.02
CA LEU C 55 20.93 7.71 -15.69
C LEU C 55 20.33 8.50 -16.86
N ASP C 56 20.06 9.79 -16.65
CA ASP C 56 19.44 10.61 -17.67
C ASP C 56 20.22 11.90 -17.96
N GLY C 57 21.33 12.14 -17.27
CA GLY C 57 22.17 13.29 -17.54
C GLY C 57 21.64 14.61 -17.03
N VAL C 58 20.44 14.65 -16.48
CA VAL C 58 19.87 15.93 -16.02
C VAL C 58 20.62 16.40 -14.78
N PRO C 59 20.97 17.68 -14.68
CA PRO C 59 21.63 18.18 -13.46
C PRO C 59 20.61 18.38 -12.36
N VAL C 60 20.82 17.69 -11.23
CA VAL C 60 19.90 17.75 -10.10
C VAL C 60 20.66 18.27 -8.89
N ALA C 61 19.90 18.69 -7.88
CA ALA C 61 20.45 19.17 -6.62
C ALA C 61 19.94 18.29 -5.50
N LEU C 62 20.85 17.58 -4.84
CA LEU C 62 20.50 16.72 -3.71
C LEU C 62 20.96 17.36 -2.41
N LYS C 63 20.15 17.22 -1.37
CA LYS C 63 20.45 17.73 -0.04
C LYS C 63 20.63 16.55 0.91
N LYS C 64 21.78 16.48 1.56
CA LYS C 64 22.10 15.40 2.48
C LYS C 64 21.85 15.87 3.90
N VAL C 65 20.88 15.25 4.58
CA VAL C 65 20.53 15.57 5.95
C VAL C 65 20.89 14.37 6.82
N GLN C 66 21.56 14.66 7.95
CA GLN C 66 21.96 13.60 8.89
C GLN C 66 20.77 13.21 9.75
N ILE C 67 19.81 12.53 9.10
CA ILE C 67 18.61 12.06 9.79
C ILE C 67 18.97 11.24 11.02
N PHE C 68 20.07 10.48 10.95
CA PHE C 68 20.45 9.62 12.07
C PHE C 68 20.51 10.40 13.37
N ASP C 69 21.01 11.64 13.31
CA ASP C 69 21.09 12.48 14.50
C ASP C 69 19.70 12.72 15.09
N LEU C 70 18.88 13.50 14.39
CA LEU C 70 17.52 13.80 14.84
C LEU C 70 16.52 12.78 14.32
N MET C 71 16.86 11.50 14.45
CA MET C 71 16.02 10.41 13.96
C MET C 71 15.02 9.93 15.01
N ASP C 72 14.48 10.84 15.83
CA ASP C 72 13.44 10.46 16.78
C ASP C 72 12.31 9.75 16.04
N ALA C 73 11.81 8.67 16.66
CA ALA C 73 10.81 7.84 16.01
C ALA C 73 9.69 8.67 15.41
N LYS C 74 9.13 9.61 16.19
CA LYS C 74 8.05 10.45 15.68
C LYS C 74 8.57 11.44 14.64
N ALA C 75 9.77 11.99 14.86
CA ALA C 75 10.32 12.97 13.92
C ALA C 75 10.80 12.29 12.65
N ARG C 76 11.47 11.14 12.77
CA ARG C 76 11.97 10.44 11.59
C ARG C 76 10.83 10.07 10.65
N ALA C 77 9.70 9.65 11.21
CA ALA C 77 8.55 9.31 10.37
C ALA C 77 7.81 10.55 9.88
N ASP C 78 7.83 11.63 10.68
CA ASP C 78 7.16 12.85 10.26
C ASP C 78 7.84 13.45 9.03
N CYS C 79 9.17 13.45 9.00
CA CYS C 79 9.89 13.97 7.84
C CYS C 79 9.56 13.17 6.59
N ILE C 80 9.56 11.84 6.71
CA ILE C 80 9.22 10.99 5.57
C ILE C 80 7.79 11.25 5.13
N LYS C 81 6.89 11.46 6.09
CA LYS C 81 5.50 11.76 5.73
C LYS C 81 5.38 13.08 5.01
N GLU C 82 6.12 14.10 5.46
CA GLU C 82 6.05 15.41 4.81
C GLU C 82 6.60 15.35 3.38
N ILE C 83 7.69 14.61 3.17
CA ILE C 83 8.23 14.48 1.83
C ILE C 83 7.18 13.92 0.88
N ASP C 84 6.39 12.94 1.35
CA ASP C 84 5.32 12.40 0.51
C ASP C 84 4.34 13.47 0.09
N LEU C 85 4.11 14.47 0.95
CA LEU C 85 3.18 15.54 0.61
C LEU C 85 3.78 16.49 -0.42
N HIS C 86 5.09 16.73 -0.34
CA HIS C 86 5.73 17.64 -1.29
C HIS C 86 5.76 17.05 -2.69
N LYS C 87 6.11 15.76 -2.81
CA LYS C 87 6.17 15.13 -4.12
C LYS C 87 4.83 15.23 -4.84
N GLN C 88 3.74 15.36 -4.09
CA GLN C 88 2.41 15.42 -4.71
C GLN C 88 2.17 16.77 -5.36
N LEU C 89 2.73 17.85 -4.81
CA LEU C 89 2.55 19.17 -5.40
C LEU C 89 3.22 19.24 -6.76
N ASN C 90 2.48 19.75 -7.75
CA ASN C 90 3.02 19.99 -9.09
C ASN C 90 2.61 21.41 -9.49
N HIS C 91 3.55 22.34 -9.40
CA HIS C 91 3.28 23.75 -9.64
C HIS C 91 4.46 24.37 -10.37
N PRO C 92 4.22 25.36 -11.24
CA PRO C 92 5.35 26.03 -11.91
C PRO C 92 6.24 26.81 -10.95
N ASN C 93 5.73 27.17 -9.77
CA ASN C 93 6.47 28.01 -8.82
C ASN C 93 6.97 27.22 -7.63
N VAL C 94 6.86 25.89 -7.65
CA VAL C 94 7.40 25.03 -6.61
C VAL C 94 8.42 24.10 -7.26
N ILE C 95 9.64 24.09 -6.72
CA ILE C 95 10.70 23.28 -7.31
C ILE C 95 10.25 21.83 -7.40
N LYS C 96 10.46 21.24 -8.57
CA LYS C 96 10.06 19.85 -8.78
C LYS C 96 10.85 18.92 -7.86
N PHE C 97 10.18 17.88 -7.38
CA PHE C 97 10.79 16.87 -6.52
C PHE C 97 11.10 15.63 -7.36
N TYR C 98 12.37 15.30 -7.49
CA TYR C 98 12.78 14.19 -8.35
C TYR C 98 12.73 12.85 -7.60
N ALA C 99 13.38 12.75 -6.45
CA ALA C 99 13.40 11.49 -5.72
C ALA C 99 14.00 11.72 -4.34
N SER C 100 13.68 10.79 -3.43
CA SER C 100 14.25 10.76 -2.09
C SER C 100 14.70 9.33 -1.79
N PHE C 101 15.83 9.20 -1.10
CA PHE C 101 16.36 7.89 -0.78
C PHE C 101 17.27 7.99 0.43
N ILE C 102 17.35 6.91 1.18
CA ILE C 102 18.17 6.82 2.39
C ILE C 102 19.36 5.92 2.07
N GLU C 103 20.57 6.46 2.21
CA GLU C 103 21.78 5.71 1.90
C GLU C 103 22.93 6.24 2.74
N ASP C 104 23.72 5.33 3.30
CA ASP C 104 24.92 5.67 4.07
C ASP C 104 24.55 6.46 5.32
N ASN C 105 23.56 5.95 6.06
CA ASN C 105 23.12 6.57 7.31
C ASN C 105 22.80 8.05 7.11
N GLU C 106 22.10 8.35 6.02
CA GLU C 106 21.72 9.72 5.71
C GLU C 106 20.62 9.70 4.66
N LEU C 107 19.71 10.67 4.76
CA LEU C 107 18.61 10.82 3.82
C LEU C 107 19.01 11.83 2.75
N ASN C 108 18.87 11.42 1.48
CA ASN C 108 19.22 12.25 0.34
C ASN C 108 17.96 12.52 -0.48
N ILE C 109 17.59 13.78 -0.59
CA ILE C 109 16.43 14.21 -1.36
C ILE C 109 16.92 14.96 -2.59
N VAL C 110 16.47 14.53 -3.77
CA VAL C 110 16.93 15.09 -5.03
C VAL C 110 15.85 16.01 -5.58
N LEU C 111 16.17 17.29 -5.70
CA LEU C 111 15.27 18.29 -6.25
C LEU C 111 15.93 18.96 -7.45
N GLU C 112 15.12 19.64 -8.26
CA GLU C 112 15.66 20.34 -9.42
C GLU C 112 16.61 21.44 -8.96
N LEU C 113 17.50 21.82 -9.86
CA LEU C 113 18.53 22.83 -9.59
C LEU C 113 18.21 24.09 -10.37
N ALA C 114 18.07 25.20 -9.66
CA ALA C 114 17.85 26.51 -10.28
C ALA C 114 19.16 27.27 -10.28
N ASP C 115 19.61 27.69 -11.47
CA ASP C 115 20.95 28.26 -11.61
C ASP C 115 21.03 29.68 -11.06
N ALA C 116 19.97 30.48 -11.23
CA ALA C 116 20.03 31.88 -10.84
C ALA C 116 20.47 32.02 -9.38
N GLY C 117 19.99 31.13 -8.52
CA GLY C 117 20.36 31.16 -7.12
C GLY C 117 19.15 31.25 -6.21
N ASP C 118 19.39 31.59 -4.95
CA ASP C 118 18.32 31.76 -3.96
C ASP C 118 18.23 33.23 -3.56
N LEU C 119 17.05 33.62 -3.08
CA LEU C 119 16.81 35.02 -2.74
C LEU C 119 17.85 35.55 -1.76
N SER C 120 18.41 34.68 -0.92
CA SER C 120 19.41 35.14 0.05
C SER C 120 20.67 35.64 -0.65
N ARG C 121 21.12 34.94 -1.69
CA ARG C 121 22.29 35.40 -2.43
C ARG C 121 21.99 36.68 -3.20
N MET C 122 20.78 36.79 -3.76
CA MET C 122 20.42 37.98 -4.51
C MET C 122 20.31 39.21 -3.59
N ILE C 123 19.69 39.03 -2.42
CA ILE C 123 19.58 40.13 -1.47
C ILE C 123 20.97 40.61 -1.06
N LYS C 124 21.86 39.68 -0.72
CA LYS C 124 23.23 40.05 -0.38
C LYS C 124 23.89 40.83 -1.52
N HIS C 125 23.74 40.33 -2.76
CA HIS C 125 24.28 41.02 -3.92
C HIS C 125 23.90 42.49 -3.93
N PHE C 126 22.59 42.77 -3.94
CA PHE C 126 22.12 44.15 -3.99
C PHE C 126 22.65 44.96 -2.80
N LYS C 127 22.57 44.38 -1.60
CA LYS C 127 23.08 45.07 -0.42
C LYS C 127 24.58 45.29 -0.52
N LYS C 128 25.29 44.41 -1.24
CA LYS C 128 26.74 44.57 -1.37
C LYS C 128 27.09 45.81 -2.19
N GLN C 129 26.36 46.04 -3.29
CA GLN C 129 26.61 47.18 -4.17
C GLN C 129 25.70 48.37 -3.86
N LYS C 130 25.05 48.36 -2.70
CA LYS C 130 24.19 49.46 -2.26
C LYS C 130 23.19 49.85 -3.35
N ARG C 131 22.35 48.89 -3.73
CA ARG C 131 21.31 49.12 -4.72
C ARG C 131 20.04 48.41 -4.26
N LEU C 132 18.94 49.16 -4.18
CA LEU C 132 17.69 48.57 -3.75
C LEU C 132 16.99 47.88 -4.91
N ILE C 133 16.11 46.96 -4.58
CA ILE C 133 15.38 46.19 -5.60
C ILE C 133 14.23 47.07 -6.12
N PRO C 134 14.10 47.23 -7.44
CA PRO C 134 12.99 48.03 -7.96
C PRO C 134 11.64 47.44 -7.56
N GLU C 135 10.70 48.32 -7.24
CA GLU C 135 9.35 47.87 -6.92
C GLU C 135 8.71 47.10 -8.06
N ARG C 136 9.15 47.34 -9.29
CA ARG C 136 8.57 46.63 -10.43
C ARG C 136 8.92 45.14 -10.39
N THR C 137 10.15 44.81 -10.00
CA THR C 137 10.56 43.40 -9.95
C THR C 137 10.06 42.73 -8.67
N VAL C 138 9.95 43.47 -7.57
CA VAL C 138 9.42 42.90 -6.33
C VAL C 138 8.05 42.27 -6.60
N TRP C 139 7.14 43.05 -7.20
CA TRP C 139 5.84 42.51 -7.55
C TRP C 139 5.97 41.35 -8.53
N LYS C 140 6.88 41.47 -9.50
CA LYS C 140 7.07 40.41 -10.48
C LYS C 140 7.37 39.08 -9.80
N TYR C 141 8.21 39.10 -8.77
CA TYR C 141 8.54 37.88 -8.04
C TYR C 141 7.47 37.55 -7.01
N PHE C 142 7.02 38.55 -6.25
CA PHE C 142 6.11 38.29 -5.14
C PHE C 142 4.79 37.68 -5.61
N VAL C 143 4.31 38.07 -6.80
CA VAL C 143 3.09 37.46 -7.32
C VAL C 143 3.28 35.97 -7.51
N GLN C 144 4.47 35.56 -7.95
CA GLN C 144 4.74 34.14 -8.16
C GLN C 144 4.77 33.38 -6.84
N LEU C 145 5.34 34.00 -5.80
CA LEU C 145 5.32 33.38 -4.48
C LEU C 145 3.89 33.18 -3.99
N CYS C 146 3.06 34.22 -4.10
CA CYS C 146 1.67 34.11 -3.66
C CYS C 146 0.92 33.04 -4.45
N SER C 147 1.21 32.92 -5.75
CA SER C 147 0.54 31.91 -6.56
C SER C 147 0.81 30.51 -6.03
N ALA C 148 2.07 30.22 -5.71
CA ALA C 148 2.41 28.91 -5.14
C ALA C 148 1.70 28.70 -3.81
N LEU C 149 1.75 29.70 -2.93
CA LEU C 149 1.10 29.58 -1.63
C LEU C 149 -0.40 29.41 -1.79
N GLU C 150 -1.02 30.13 -2.72
CA GLU C 150 -2.44 29.97 -2.98
C GLU C 150 -2.75 28.54 -3.42
N HIS C 151 -1.82 27.90 -4.13
CA HIS C 151 -2.03 26.51 -4.53
C HIS C 151 -1.96 25.57 -3.33
N MET C 152 -1.00 25.80 -2.43
CA MET C 152 -0.88 24.94 -1.26
C MET C 152 -2.06 25.13 -0.31
N HIS C 153 -2.38 26.39 0.02
CA HIS C 153 -3.45 26.64 0.97
C HIS C 153 -4.79 26.10 0.45
N SER C 154 -5.05 26.24 -0.85
CA SER C 154 -6.28 25.72 -1.41
C SER C 154 -6.36 24.20 -1.26
N ARG C 155 -5.22 23.53 -1.18
CA ARG C 155 -5.17 22.09 -0.97
C ARG C 155 -4.93 21.72 0.49
N ARG C 156 -5.13 22.67 1.41
CA ARG C 156 -4.99 22.42 2.84
C ARG C 156 -3.55 22.06 3.20
N VAL C 157 -2.60 22.86 2.69
CA VAL C 157 -1.18 22.66 2.95
C VAL C 157 -0.56 24.02 3.26
N MET C 158 0.30 24.06 4.28
CA MET C 158 1.03 25.26 4.65
C MET C 158 2.52 24.99 4.55
N HIS C 159 3.27 26.03 4.16
CA HIS C 159 4.69 25.84 3.86
C HIS C 159 5.52 25.70 5.15
N ARG C 160 5.16 26.44 6.19
CA ARG C 160 5.82 26.30 7.49
C ARG C 160 7.24 26.86 7.48
N ASP C 161 7.75 27.27 6.31
CA ASP C 161 9.12 27.75 6.24
C ASP C 161 9.33 28.64 5.01
N ILE C 162 8.78 29.84 5.05
CA ILE C 162 8.92 30.81 3.96
C ILE C 162 10.03 31.77 4.37
N LYS C 163 11.20 31.62 3.78
CA LYS C 163 12.35 32.46 4.06
C LYS C 163 13.09 32.72 2.75
N PRO C 164 13.76 33.87 2.64
CA PRO C 164 14.54 34.13 1.41
C PRO C 164 15.51 33.01 1.09
N ALA C 165 16.07 32.34 2.10
CA ALA C 165 17.00 31.24 1.86
C ALA C 165 16.32 30.03 1.23
N ASN C 166 14.99 29.95 1.30
CA ASN C 166 14.24 28.81 0.77
C ASN C 166 13.46 29.16 -0.50
N VAL C 167 13.72 30.33 -1.08
CA VAL C 167 13.11 30.72 -2.34
C VAL C 167 14.19 30.72 -3.41
N PHE C 168 13.84 30.28 -4.62
CA PHE C 168 14.80 30.10 -5.69
C PHE C 168 14.32 30.79 -6.95
N ILE C 169 15.27 31.09 -7.84
CA ILE C 169 15.01 31.84 -9.06
C ILE C 169 15.67 31.10 -10.22
N THR C 170 15.07 31.23 -11.39
CA THR C 170 15.63 30.69 -12.62
C THR C 170 16.01 31.84 -13.56
N ALA C 171 16.93 31.55 -14.47
CA ALA C 171 17.36 32.56 -15.44
C ALA C 171 16.18 33.18 -16.16
N THR C 172 15.15 32.38 -16.44
CA THR C 172 13.96 32.90 -17.09
C THR C 172 13.31 34.00 -16.25
N GLY C 173 13.41 33.90 -14.94
CA GLY C 173 12.76 34.84 -14.04
C GLY C 173 11.71 34.21 -13.14
N VAL C 174 11.41 32.92 -13.30
CA VAL C 174 10.42 32.28 -12.44
C VAL C 174 10.99 32.14 -11.03
N VAL C 175 10.10 32.21 -10.04
CA VAL C 175 10.46 32.06 -8.64
C VAL C 175 9.98 30.69 -8.17
N LYS C 176 10.92 29.85 -7.74
CA LYS C 176 10.61 28.50 -7.30
C LYS C 176 10.78 28.40 -5.79
N LEU C 177 9.72 27.96 -5.11
CA LEU C 177 9.66 27.87 -3.66
C LEU C 177 9.21 26.46 -3.31
N GLY C 178 9.99 25.74 -2.49
CA GLY C 178 9.53 24.40 -2.14
C GLY C 178 10.43 23.50 -1.32
N ASP C 179 10.54 23.77 -0.02
CA ASP C 179 10.99 22.77 0.94
C ASP C 179 10.50 23.19 2.31
N PHE C 180 10.02 22.22 3.11
CA PHE C 180 9.68 22.47 4.51
C PHE C 180 10.74 21.79 5.37
N GLY C 181 11.64 22.59 5.95
CA GLY C 181 12.69 22.03 6.79
C GLY C 181 12.16 21.29 8.01
N LEU C 182 11.02 21.73 8.54
CA LEU C 182 10.42 21.09 9.70
C LEU C 182 9.10 21.77 10.07
N THR C 199 16.84 29.13 16.87
CA THR C 199 16.12 30.19 16.18
C THR C 199 15.64 29.74 14.80
N PRO C 200 14.35 29.93 14.51
CA PRO C 200 13.90 29.86 13.12
C PRO C 200 13.96 31.23 12.48
N TYR C 201 14.26 31.25 11.18
CA TYR C 201 14.43 32.52 10.49
C TYR C 201 13.23 33.44 10.74
N TYR C 202 12.03 32.86 10.78
CA TYR C 202 10.81 33.63 11.07
C TYR C 202 10.06 32.91 12.19
N MET C 203 10.37 33.30 13.43
CA MET C 203 9.64 32.81 14.61
C MET C 203 8.35 33.61 14.72
N SER C 204 7.27 33.06 14.20
CA SER C 204 5.99 33.75 14.15
C SER C 204 5.54 34.16 15.55
N PRO C 205 4.55 35.06 15.66
CA PRO C 205 4.07 35.46 16.98
C PRO C 205 3.19 34.39 17.61
N GLU C 206 2.47 33.64 16.78
CA GLU C 206 1.74 32.48 17.29
C GLU C 206 2.70 31.47 17.89
N ARG C 207 3.91 31.37 17.35
CA ARG C 207 4.95 30.57 18.00
C ARG C 207 5.32 31.17 19.35
N ILE C 208 5.35 32.50 19.44
CA ILE C 208 5.53 33.16 20.71
C ILE C 208 4.30 32.93 21.58
N HIS C 209 4.51 32.58 22.84
CA HIS C 209 3.44 32.10 23.70
C HIS C 209 2.67 30.99 22.98
N GLU C 210 3.40 29.91 22.71
CA GLU C 210 2.99 28.85 21.78
C GLU C 210 1.50 28.55 21.82
N ASN C 211 0.79 28.95 20.78
CA ASN C 211 -0.58 28.51 20.52
C ASN C 211 -0.61 27.36 19.52
N GLY C 212 0.12 27.48 18.41
CA GLY C 212 0.19 26.46 17.40
C GLY C 212 0.91 26.91 16.15
N TYR C 213 0.34 26.59 14.99
CA TYR C 213 0.90 27.03 13.71
C TYR C 213 -0.24 27.05 12.70
N ASN C 214 -0.62 28.24 12.26
CA ASN C 214 -1.85 28.44 11.50
C ASN C 214 -1.55 28.93 10.10
N PHE C 215 -2.52 28.73 9.20
CA PHE C 215 -2.40 29.24 7.84
C PHE C 215 -2.04 30.72 7.82
N LYS C 216 -2.69 31.50 8.69
CA LYS C 216 -2.36 32.92 8.78
C LYS C 216 -0.90 33.13 9.15
N SER C 217 -0.24 32.12 9.74
CA SER C 217 1.18 32.25 10.05
C SER C 217 2.03 32.29 8.77
N ASP C 218 1.60 31.58 7.72
CA ASP C 218 2.31 31.67 6.44
C ASP C 218 2.26 33.09 5.89
N ILE C 219 1.15 33.80 6.13
CA ILE C 219 1.09 35.21 5.73
C ILE C 219 2.19 36.00 6.42
N TRP C 220 2.30 35.84 7.74
CA TRP C 220 3.36 36.52 8.50
C TRP C 220 4.72 36.31 7.85
N SER C 221 5.12 35.04 7.68
CA SER C 221 6.36 34.74 6.98
C SER C 221 6.38 35.37 5.60
N LEU C 222 5.22 35.43 4.93
CA LEU C 222 5.15 36.08 3.63
C LEU C 222 5.31 37.59 3.75
N GLY C 223 4.76 38.17 4.82
CA GLY C 223 4.94 39.59 5.05
C GLY C 223 6.40 39.95 5.31
N CYS C 224 7.07 39.17 6.17
CA CYS C 224 8.49 39.42 6.43
C CYS C 224 9.30 39.32 5.15
N LEU C 225 8.98 38.35 4.29
CA LEU C 225 9.72 38.17 3.05
C LEU C 225 9.56 39.37 2.12
N LEU C 226 8.33 39.87 1.98
CA LEU C 226 8.11 41.06 1.16
C LEU C 226 8.88 42.25 1.72
N TYR C 227 8.98 42.34 3.05
CA TYR C 227 9.76 43.41 3.66
C TYR C 227 11.23 43.27 3.33
N GLU C 228 11.76 42.04 3.36
CA GLU C 228 13.18 41.83 3.14
C GLU C 228 13.58 42.17 1.71
N MET C 229 12.69 41.95 0.74
CA MET C 229 12.97 42.36 -0.63
C MET C 229 13.05 43.88 -0.75
N ALA C 230 12.28 44.60 0.07
CA ALA C 230 12.24 46.05 -0.03
C ALA C 230 13.39 46.71 0.73
N ALA C 231 13.69 46.22 1.93
CA ALA C 231 14.71 46.83 2.78
C ALA C 231 16.00 46.02 2.85
N LEU C 232 16.07 44.88 2.17
CA LEU C 232 17.28 44.06 2.12
C LEU C 232 17.72 43.57 3.50
N GLN C 233 16.82 43.60 4.48
CA GLN C 233 17.12 43.07 5.80
C GLN C 233 15.80 42.74 6.49
N SER C 234 15.83 41.70 7.32
CA SER C 234 14.64 41.29 8.03
C SER C 234 14.06 42.45 8.83
N PRO C 235 12.74 42.51 9.02
CA PRO C 235 12.16 43.61 9.80
C PRO C 235 12.54 43.58 11.27
N PHE C 236 13.18 42.52 11.75
CA PHE C 236 13.49 42.36 13.17
C PHE C 236 14.99 42.15 13.38
N TYR C 237 15.81 42.65 12.46
CA TYR C 237 17.24 42.76 12.72
C TYR C 237 17.50 43.84 13.77
N GLY C 238 18.51 43.63 14.58
CA GLY C 238 18.85 44.57 15.63
C GLY C 238 20.34 44.65 15.85
N ASP C 239 20.75 45.74 16.49
CA ASP C 239 22.13 45.91 16.91
C ASP C 239 22.38 45.33 18.30
N LYS C 240 21.37 45.34 19.16
CA LYS C 240 21.44 44.72 20.47
C LYS C 240 20.53 43.48 20.46
N MET C 241 20.94 42.48 19.69
CA MET C 241 20.10 41.31 19.49
C MET C 241 20.09 40.41 20.72
N ASN C 242 18.94 39.77 20.93
CA ASN C 242 18.75 38.86 22.06
C ASN C 242 17.31 38.36 22.05
N LEU C 243 17.09 37.12 22.48
CA LEU C 243 15.74 36.55 22.47
C LEU C 243 14.78 37.40 23.28
N TYR C 244 15.28 38.15 24.26
CA TYR C 244 14.41 39.02 25.06
C TYR C 244 13.73 40.06 24.18
N SER C 245 14.51 40.90 23.50
CA SER C 245 13.93 41.98 22.70
C SER C 245 13.23 41.47 21.46
N LEU C 246 13.72 40.37 20.87
CA LEU C 246 13.12 39.86 19.64
C LEU C 246 11.63 39.60 19.84
N CYS C 247 11.27 38.89 20.90
CA CYS C 247 9.86 38.59 21.15
C CYS C 247 9.07 39.86 21.44
N LYS C 248 9.62 40.75 22.26
CA LYS C 248 8.93 42.01 22.55
C LYS C 248 8.68 42.80 21.28
N LYS C 249 9.68 42.90 20.40
CA LYS C 249 9.51 43.65 19.16
C LYS C 249 8.38 43.07 18.32
N ILE C 250 8.28 41.74 18.26
CA ILE C 250 7.21 41.12 17.49
C ILE C 250 5.85 41.39 18.14
N GLU C 251 5.81 41.44 19.47
CA GLU C 251 4.56 41.67 20.17
C GLU C 251 3.97 43.04 19.80
N GLN C 252 4.80 44.07 19.82
CA GLN C 252 4.38 45.42 19.46
C GLN C 252 4.76 45.80 18.03
N CYS C 253 5.15 44.81 17.22
CA CYS C 253 5.48 45.02 15.80
C CYS C 253 6.25 46.31 15.58
N ASP C 254 7.35 46.45 16.33
CA ASP C 254 8.24 47.60 16.19
C ASP C 254 9.33 47.25 15.18
N TYR C 255 9.29 47.90 14.02
CA TYR C 255 10.30 47.72 13.00
C TYR C 255 10.42 49.01 12.22
N PRO C 256 11.57 49.29 11.61
CA PRO C 256 11.72 50.53 10.84
C PRO C 256 10.85 50.50 9.60
N PRO C 257 10.02 51.51 9.38
CA PRO C 257 9.20 51.54 8.16
C PRO C 257 10.08 51.61 6.92
N LEU C 258 9.43 51.46 5.78
CA LEU C 258 10.14 51.36 4.51
C LEU C 258 10.32 52.74 3.88
N PRO C 259 11.26 52.87 2.95
CA PRO C 259 11.47 54.18 2.31
C PRO C 259 10.20 54.70 1.66
N SER C 260 9.85 55.96 1.96
CA SER C 260 8.62 56.54 1.47
C SER C 260 8.69 56.86 -0.02
N ASP C 261 9.88 57.17 -0.53
CA ASP C 261 10.02 57.65 -1.90
C ASP C 261 10.22 56.54 -2.92
N HIS C 262 10.74 55.38 -2.50
CA HIS C 262 11.07 54.32 -3.45
C HIS C 262 9.95 53.31 -3.65
N TYR C 263 9.12 53.08 -2.64
CA TYR C 263 8.09 52.05 -2.70
C TYR C 263 6.72 52.66 -2.45
N SER C 264 5.70 52.03 -3.03
CA SER C 264 4.34 52.57 -2.98
C SER C 264 3.68 52.27 -1.64
N GLU C 265 2.74 53.14 -1.26
CA GLU C 265 1.98 52.92 -0.03
C GLU C 265 1.16 51.63 -0.12
N GLU C 266 0.75 51.24 -1.32
CA GLU C 266 0.05 49.96 -1.48
C GLU C 266 0.92 48.81 -1.02
N LEU C 267 2.22 48.86 -1.34
CA LEU C 267 3.13 47.81 -0.88
C LEU C 267 3.36 47.90 0.61
N ARG C 268 3.70 49.08 1.12
CA ARG C 268 3.99 49.25 2.54
C ARG C 268 2.86 48.71 3.40
N GLN C 269 1.62 49.10 3.09
CA GLN C 269 0.49 48.68 3.90
C GLN C 269 0.20 47.19 3.77
N LEU C 270 0.67 46.55 2.70
CA LEU C 270 0.58 45.09 2.61
C LEU C 270 1.56 44.43 3.57
N VAL C 271 2.70 45.07 3.83
CA VAL C 271 3.63 44.57 4.83
C VAL C 271 3.09 44.80 6.24
N ASN C 272 2.72 46.05 6.53
CA ASN C 272 2.10 46.35 7.83
C ASN C 272 0.90 45.47 8.07
N MET C 273 0.09 45.22 7.03
CA MET C 273 -1.07 44.35 7.17
C MET C 273 -0.64 42.93 7.53
N CYS C 274 0.31 42.37 6.78
CA CYS C 274 0.72 41.00 7.02
C CYS C 274 1.61 40.86 8.26
N ILE C 275 2.34 41.92 8.62
CA ILE C 275 3.14 41.90 9.84
C ILE C 275 2.26 42.41 10.98
N ASN C 276 1.25 41.63 11.34
CA ASN C 276 0.31 42.00 12.39
C ASN C 276 0.39 40.99 13.51
N PRO C 277 0.58 41.42 14.78
CA PRO C 277 0.63 40.43 15.86
C PRO C 277 -0.61 39.56 15.94
N ASP C 278 -1.79 40.16 15.88
CA ASP C 278 -3.04 39.41 15.96
C ASP C 278 -3.26 38.63 14.67
N PRO C 279 -3.23 37.29 14.69
CA PRO C 279 -3.46 36.55 13.44
C PRO C 279 -4.81 36.85 12.81
N GLU C 280 -5.85 37.04 13.63
CA GLU C 280 -7.18 37.29 13.08
C GLU C 280 -7.21 38.55 12.23
N LYS C 281 -6.33 39.52 12.50
CA LYS C 281 -6.32 40.76 11.75
C LYS C 281 -5.65 40.63 10.39
N ARG C 282 -4.81 39.60 10.21
CA ARG C 282 -4.12 39.44 8.94
C ARG C 282 -5.09 38.94 7.87
N PRO C 283 -4.73 39.10 6.60
CA PRO C 283 -5.63 38.71 5.51
C PRO C 283 -5.45 37.25 5.10
N ASP C 284 -6.39 36.77 4.30
CA ASP C 284 -6.28 35.45 3.70
C ASP C 284 -5.40 35.54 2.44
N VAL C 285 -4.75 34.42 2.12
CA VAL C 285 -3.78 34.41 1.02
C VAL C 285 -4.38 34.95 -0.25
N THR C 286 -5.68 34.71 -0.48
CA THR C 286 -6.30 35.14 -1.73
C THR C 286 -6.25 36.67 -1.88
N TYR C 287 -6.57 37.39 -0.81
CA TYR C 287 -6.51 38.85 -0.87
C TYR C 287 -5.09 39.32 -1.16
N VAL C 288 -4.11 38.83 -0.38
CA VAL C 288 -2.71 39.15 -0.65
C VAL C 288 -2.35 38.79 -2.09
N TYR C 289 -2.77 37.60 -2.54
CA TYR C 289 -2.54 37.19 -3.92
C TYR C 289 -3.14 38.20 -4.88
N ASP C 290 -4.42 38.54 -4.69
CA ASP C 290 -5.10 39.43 -5.63
C ASP C 290 -4.44 40.81 -5.67
N VAL C 291 -3.96 41.29 -4.53
CA VAL C 291 -3.23 42.56 -4.51
C VAL C 291 -2.01 42.48 -5.42
N ALA C 292 -1.24 41.39 -5.31
CA ALA C 292 -0.04 41.24 -6.10
C ALA C 292 -0.36 41.24 -7.59
N LYS C 293 -1.40 40.50 -7.99
CA LYS C 293 -1.75 40.43 -9.40
C LYS C 293 -2.08 41.81 -9.95
N ARG C 294 -2.89 42.59 -9.22
CA ARG C 294 -3.19 43.95 -9.64
C ARG C 294 -1.91 44.78 -9.72
N MET C 295 -1.11 44.77 -8.65
CA MET C 295 0.10 45.58 -8.62
C MET C 295 1.13 45.10 -9.64
N HIS C 296 1.14 43.80 -9.94
CA HIS C 296 2.05 43.31 -10.97
C HIS C 296 1.68 43.86 -12.34
N ALA C 297 0.38 43.94 -12.63
CA ALA C 297 -0.06 44.51 -13.90
C ALA C 297 0.26 45.99 -13.98
N CYS C 298 0.01 46.74 -12.90
CA CYS C 298 0.33 48.16 -12.87
C CYS C 298 1.80 48.39 -13.19
N THR C 299 2.69 47.83 -12.37
CA THR C 299 4.14 47.93 -12.60
C THR C 299 4.53 46.92 -13.66
N ALA C 300 4.57 47.37 -14.91
CA ALA C 300 4.92 46.51 -16.03
C ALA C 300 6.19 47.00 -16.71
N ARG D 23 6.97 0.09 -3.96
CA ARG D 23 5.83 0.84 -3.44
C ARG D 23 5.15 0.07 -2.31
N PRO D 24 5.41 0.47 -1.05
CA PRO D 24 4.82 -0.28 0.09
C PRO D 24 3.45 0.22 0.53
N ASP D 25 2.41 -0.26 -0.17
CA ASP D 25 1.05 0.02 0.25
C ASP D 25 0.65 -0.85 1.43
N MET D 26 1.10 -2.09 1.46
CA MET D 26 0.80 -2.98 2.57
C MET D 26 1.56 -2.54 3.82
N GLY D 27 1.21 -3.17 4.94
CA GLY D 27 1.78 -2.82 6.22
C GLY D 27 3.05 -3.58 6.55
N TYR D 28 4.16 -3.22 5.90
CA TYR D 28 5.46 -3.81 6.19
C TYR D 28 5.43 -5.34 6.08
N ASN D 29 4.65 -5.84 5.12
CA ASN D 29 4.54 -7.27 4.86
C ASN D 29 5.01 -7.63 3.46
N THR D 30 5.76 -6.73 2.82
CA THR D 30 6.35 -6.98 1.50
C THR D 30 7.74 -6.38 1.49
N LEU D 31 8.73 -7.18 1.08
CA LEU D 31 10.11 -6.71 1.07
C LEU D 31 10.31 -5.43 0.29
N ALA D 32 9.34 -5.03 -0.54
CA ALA D 32 9.46 -3.80 -1.30
C ALA D 32 9.70 -2.59 -0.40
N ASN D 33 9.15 -2.61 0.81
CA ASN D 33 9.23 -1.46 1.71
C ASN D 33 10.57 -1.33 2.41
N PHE D 34 11.41 -2.36 2.38
CA PHE D 34 12.68 -2.37 3.10
C PHE D 34 13.85 -2.28 2.13
N ARG D 35 14.90 -1.59 2.56
CA ARG D 35 16.14 -1.46 1.80
C ARG D 35 17.26 -2.12 2.59
N ILE D 36 17.70 -3.29 2.14
CA ILE D 36 18.75 -4.01 2.85
C ILE D 36 20.02 -3.19 2.86
N GLU D 37 20.74 -3.21 3.98
CA GLU D 37 21.96 -2.44 4.15
C GLU D 37 23.21 -3.30 4.10
N LYS D 38 23.23 -4.43 4.80
CA LYS D 38 24.40 -5.30 4.83
C LYS D 38 23.99 -6.60 5.53
N LYS D 39 24.95 -7.52 5.63
CA LYS D 39 24.73 -8.79 6.28
C LYS D 39 25.04 -8.66 7.77
N ILE D 40 24.07 -9.03 8.62
CA ILE D 40 24.22 -8.90 10.06
C ILE D 40 24.94 -10.10 10.64
N GLY D 41 24.46 -11.32 10.34
CA GLY D 41 25.07 -12.52 10.86
C GLY D 41 24.92 -13.67 9.88
N ARG D 42 25.69 -14.73 10.13
CA ARG D 42 25.67 -15.92 9.29
C ARG D 42 24.63 -16.93 9.78
N GLY D 43 24.69 -17.32 11.05
CA GLY D 43 23.75 -18.25 11.61
C GLY D 43 24.06 -19.69 11.24
N GLN D 44 23.21 -20.59 11.73
CA GLN D 44 23.34 -22.01 11.46
C GLN D 44 22.42 -22.48 10.34
N PHE D 45 21.14 -22.10 10.39
CA PHE D 45 20.18 -22.43 9.34
C PHE D 45 19.43 -21.22 8.84
N SER D 46 19.85 -20.01 9.20
CA SER D 46 19.19 -18.79 8.75
C SER D 46 20.20 -17.65 8.76
N GLU D 47 19.92 -16.64 7.93
CA GLU D 47 20.77 -15.47 7.81
C GLU D 47 19.96 -14.23 8.16
N VAL D 48 20.64 -13.24 8.76
CA VAL D 48 20.02 -11.99 9.18
C VAL D 48 20.77 -10.83 8.56
N TYR D 49 20.03 -9.82 8.12
CA TYR D 49 20.60 -8.64 7.51
C TYR D 49 19.92 -7.40 8.04
N ARG D 50 20.69 -6.33 8.23
CA ARG D 50 20.14 -5.06 8.70
C ARG D 50 19.54 -4.29 7.53
N ALA D 51 18.43 -3.61 7.78
CA ALA D 51 17.72 -2.88 6.75
C ALA D 51 17.02 -1.68 7.37
N ALA D 52 16.38 -0.88 6.53
CA ALA D 52 15.62 0.28 6.95
C ALA D 52 14.25 0.26 6.29
N CYS D 53 13.21 0.56 7.07
CA CYS D 53 11.84 0.57 6.57
C CYS D 53 11.57 1.92 5.91
N LEU D 54 11.37 1.91 4.59
CA LEU D 54 11.11 3.16 3.88
C LEU D 54 9.81 3.80 4.32
N LEU D 55 8.85 3.00 4.81
CA LEU D 55 7.56 3.55 5.22
C LEU D 55 7.71 4.48 6.41
N ASP D 56 8.29 3.98 7.50
CA ASP D 56 8.42 4.75 8.74
C ASP D 56 9.86 5.13 9.05
N GLY D 57 10.83 4.71 8.23
CA GLY D 57 12.22 5.03 8.49
C GLY D 57 12.81 4.37 9.72
N VAL D 58 12.14 3.36 10.27
CA VAL D 58 12.65 2.69 11.47
C VAL D 58 13.64 1.61 11.05
N PRO D 59 14.86 1.60 11.59
CA PRO D 59 15.81 0.55 11.22
C PRO D 59 15.42 -0.79 11.82
N VAL D 60 15.39 -1.82 10.99
CA VAL D 60 14.97 -3.16 11.40
C VAL D 60 15.96 -4.17 10.86
N ALA D 61 15.88 -5.39 11.39
CA ALA D 61 16.70 -6.51 10.95
C ALA D 61 15.79 -7.65 10.53
N LEU D 62 15.95 -8.11 9.28
CA LEU D 62 15.12 -9.17 8.73
C LEU D 62 15.88 -10.49 8.77
N LYS D 63 15.21 -11.54 9.25
CA LYS D 63 15.79 -12.87 9.32
C LYS D 63 15.22 -13.73 8.20
N LYS D 64 16.11 -14.29 7.37
CA LYS D 64 15.71 -15.09 6.22
C LYS D 64 15.90 -16.56 6.55
N VAL D 65 14.79 -17.30 6.57
CA VAL D 65 14.80 -18.74 6.83
C VAL D 65 14.34 -19.45 5.57
N GLN D 66 15.15 -20.41 5.11
CA GLN D 66 14.83 -21.20 3.92
C GLN D 66 13.76 -22.23 4.28
N ILE D 67 12.53 -21.74 4.43
CA ILE D 67 11.41 -22.56 4.86
C ILE D 67 10.81 -23.30 3.66
N PHE D 68 11.50 -23.25 2.52
CA PHE D 68 11.05 -23.95 1.32
C PHE D 68 11.91 -25.15 0.97
N ASP D 69 13.21 -25.10 1.24
CA ASP D 69 14.13 -26.17 0.85
C ASP D 69 14.21 -27.29 1.88
N LEU D 70 14.03 -26.98 3.17
CA LEU D 70 14.18 -27.99 4.21
C LEU D 70 13.11 -27.86 5.28
N MET D 71 11.90 -27.44 4.89
CA MET D 71 10.78 -27.30 5.81
C MET D 71 9.66 -28.24 5.37
N ASP D 72 9.38 -29.25 6.20
CA ASP D 72 8.32 -30.19 5.90
C ASP D 72 6.96 -29.51 6.07
N ALA D 73 5.91 -30.23 5.67
CA ALA D 73 4.55 -29.70 5.80
C ALA D 73 4.22 -29.43 7.26
N LYS D 74 4.53 -30.38 8.15
CA LYS D 74 4.31 -30.17 9.57
C LYS D 74 5.38 -29.27 10.18
N ALA D 75 6.64 -29.45 9.77
CA ALA D 75 7.71 -28.61 10.30
C ALA D 75 7.53 -27.15 9.87
N ARG D 76 7.13 -26.94 8.60
CA ARG D 76 6.89 -25.57 8.14
C ARG D 76 5.64 -24.99 8.79
N ALA D 77 4.60 -25.81 8.97
CA ALA D 77 3.39 -25.33 9.61
C ALA D 77 3.57 -25.20 11.12
N ASP D 78 4.21 -26.19 11.75
CA ASP D 78 4.45 -26.12 13.19
C ASP D 78 5.36 -24.95 13.54
N CYS D 79 6.50 -24.86 12.85
CA CYS D 79 7.40 -23.73 13.09
C CYS D 79 6.76 -22.42 12.72
N ILE D 80 5.84 -22.43 11.76
CA ILE D 80 5.12 -21.20 11.40
C ILE D 80 4.25 -20.75 12.57
N LYS D 81 3.60 -21.69 13.26
CA LYS D 81 2.78 -21.32 14.42
C LYS D 81 3.62 -20.72 15.52
N GLU D 82 4.89 -21.14 15.64
CA GLU D 82 5.76 -20.59 16.69
C GLU D 82 5.93 -19.09 16.53
N ILE D 83 6.06 -18.62 15.29
CA ILE D 83 6.17 -17.18 15.05
C ILE D 83 4.94 -16.45 15.57
N ASP D 84 3.77 -17.08 15.48
CA ASP D 84 2.56 -16.45 15.99
C ASP D 84 2.62 -16.27 17.50
N LEU D 85 3.25 -17.21 18.21
CA LEU D 85 3.36 -17.10 19.65
C LEU D 85 4.42 -16.08 20.05
N HIS D 86 5.52 -16.01 19.30
CA HIS D 86 6.58 -15.05 19.61
C HIS D 86 6.10 -13.62 19.44
N LYS D 87 5.21 -13.37 18.47
CA LYS D 87 4.67 -12.03 18.28
C LYS D 87 3.71 -11.63 19.40
N GLN D 88 3.18 -12.60 20.15
CA GLN D 88 2.21 -12.28 21.19
C GLN D 88 2.87 -11.64 22.40
N LEU D 89 4.09 -12.05 22.73
CA LEU D 89 4.74 -11.54 23.93
C LEU D 89 5.18 -10.09 23.72
N ASN D 90 4.97 -9.27 24.75
CA ASN D 90 5.36 -7.87 24.73
C ASN D 90 6.00 -7.54 26.08
N HIS D 91 7.31 -7.35 26.09
CA HIS D 91 8.04 -7.07 27.32
C HIS D 91 9.14 -6.05 27.05
N PRO D 92 9.78 -5.51 28.08
CA PRO D 92 10.81 -4.49 27.86
C PRO D 92 12.12 -5.07 27.33
N ASN D 93 12.48 -6.27 27.79
CA ASN D 93 13.75 -6.89 27.44
C ASN D 93 13.58 -8.07 26.49
N VAL D 94 12.46 -8.13 25.77
CA VAL D 94 12.21 -9.15 24.76
C VAL D 94 12.15 -8.44 23.41
N ILE D 95 12.98 -8.89 22.47
CA ILE D 95 13.05 -8.26 21.16
C ILE D 95 11.66 -8.28 20.53
N LYS D 96 11.11 -7.09 20.26
CA LYS D 96 9.80 -7.00 19.65
C LYS D 96 9.81 -7.64 18.27
N PHE D 97 8.63 -8.09 17.83
CA PHE D 97 8.46 -8.70 16.51
C PHE D 97 7.65 -7.73 15.65
N TYR D 98 8.29 -7.20 14.60
CA TYR D 98 7.61 -6.25 13.74
C TYR D 98 6.62 -6.94 12.80
N ALA D 99 7.10 -7.87 11.98
CA ALA D 99 6.24 -8.55 11.03
C ALA D 99 6.91 -9.83 10.57
N SER D 100 6.09 -10.71 9.98
CA SER D 100 6.56 -11.97 9.42
C SER D 100 5.82 -12.22 8.12
N PHE D 101 6.57 -12.61 7.08
CA PHE D 101 5.99 -12.86 5.78
C PHE D 101 6.88 -13.83 5.02
N ILE D 102 6.34 -14.36 3.93
CA ILE D 102 7.07 -15.29 3.07
C ILE D 102 6.91 -14.82 1.63
N GLU D 103 8.02 -14.79 0.89
CA GLU D 103 8.01 -14.34 -0.49
C GLU D 103 9.32 -14.74 -1.16
N ASP D 104 9.22 -15.16 -2.41
CA ASP D 104 10.40 -15.53 -3.20
C ASP D 104 11.07 -16.79 -2.66
N ASN D 105 10.25 -17.77 -2.24
CA ASN D 105 10.75 -19.05 -1.74
C ASN D 105 11.64 -18.86 -0.51
N GLU D 106 11.33 -17.85 0.30
CA GLU D 106 12.10 -17.58 1.51
C GLU D 106 11.18 -17.00 2.57
N LEU D 107 11.45 -17.33 3.83
CA LEU D 107 10.67 -16.85 4.96
C LEU D 107 11.41 -15.69 5.60
N ASN D 108 10.80 -14.51 5.58
CA ASN D 108 11.41 -13.28 6.11
C ASN D 108 10.64 -12.83 7.35
N ILE D 109 11.34 -12.79 8.48
CA ILE D 109 10.77 -12.32 9.74
C ILE D 109 11.52 -11.05 10.13
N VAL D 110 10.78 -9.96 10.35
CA VAL D 110 11.36 -8.66 10.66
C VAL D 110 11.31 -8.46 12.17
N LEU D 111 12.46 -8.11 12.75
CA LEU D 111 12.57 -7.80 14.16
C LEU D 111 13.43 -6.55 14.32
N GLU D 112 13.20 -5.82 15.42
CA GLU D 112 13.96 -4.59 15.64
C GLU D 112 15.40 -4.92 15.97
N LEU D 113 16.31 -4.08 15.51
CA LEU D 113 17.74 -4.27 15.72
C LEU D 113 18.23 -3.32 16.80
N ALA D 114 18.91 -3.87 17.79
CA ALA D 114 19.54 -3.09 18.86
C ALA D 114 21.04 -3.10 18.63
N ASP D 115 21.65 -1.91 18.67
CA ASP D 115 23.06 -1.75 18.31
C ASP D 115 23.93 -2.25 19.45
N ALA D 116 24.22 -3.55 19.45
CA ALA D 116 25.18 -4.15 20.37
C ALA D 116 25.45 -5.60 19.98
N GLY D 117 26.71 -5.94 19.75
CA GLY D 117 27.07 -7.29 19.39
C GLY D 117 26.50 -8.32 20.35
N ASP D 118 26.38 -9.56 19.89
CA ASP D 118 25.90 -10.62 20.76
C ASP D 118 26.71 -10.67 22.04
N LEU D 119 26.08 -11.14 23.12
CA LEU D 119 26.78 -11.24 24.40
C LEU D 119 28.09 -12.00 24.25
N SER D 120 28.18 -12.90 23.28
CA SER D 120 29.46 -13.52 22.94
C SER D 120 30.47 -12.47 22.54
N ARG D 121 30.06 -11.49 21.74
CA ARG D 121 30.94 -10.38 21.39
C ARG D 121 31.43 -9.67 22.65
N MET D 122 30.56 -9.52 23.65
CA MET D 122 30.99 -8.98 24.93
C MET D 122 31.95 -9.92 25.62
N ILE D 123 31.53 -11.16 25.86
CA ILE D 123 32.38 -12.14 26.52
C ILE D 123 33.74 -12.24 25.81
N LYS D 124 33.72 -12.22 24.48
CA LYS D 124 34.96 -12.34 23.73
C LYS D 124 35.87 -11.12 23.93
N HIS D 125 35.28 -9.96 24.23
CA HIS D 125 36.08 -8.76 24.43
C HIS D 125 36.92 -8.84 25.70
N PHE D 126 36.45 -9.59 26.70
CA PHE D 126 37.21 -9.73 27.95
C PHE D 126 38.28 -10.80 27.81
N LYS D 127 37.89 -11.98 27.31
CA LYS D 127 38.86 -13.07 27.14
C LYS D 127 40.05 -12.62 26.31
N LYS D 128 39.81 -11.78 25.30
CA LYS D 128 40.91 -11.23 24.52
C LYS D 128 41.85 -10.42 25.39
N GLN D 129 41.31 -9.70 26.36
CA GLN D 129 42.10 -8.91 27.29
C GLN D 129 42.47 -9.68 28.55
N LYS D 130 41.97 -10.92 28.71
CA LYS D 130 42.28 -11.73 29.88
C LYS D 130 41.78 -11.05 31.15
N ARG D 131 40.53 -10.61 31.13
CA ARG D 131 39.89 -9.95 32.26
C ARG D 131 38.57 -10.62 32.56
N LEU D 132 38.21 -10.65 33.84
CA LEU D 132 36.94 -11.21 34.28
C LEU D 132 35.89 -10.11 34.39
N ILE D 133 34.63 -10.53 34.32
CA ILE D 133 33.51 -9.59 34.39
C ILE D 133 33.23 -9.26 35.85
N PRO D 134 33.14 -7.98 36.22
CA PRO D 134 32.78 -7.65 37.60
C PRO D 134 31.41 -8.21 37.96
N GLU D 135 31.31 -8.80 39.15
CA GLU D 135 30.06 -9.38 39.58
C GLU D 135 28.94 -8.35 39.61
N ARG D 136 29.26 -7.09 39.92
CA ARG D 136 28.23 -6.05 39.95
C ARG D 136 27.56 -5.91 38.60
N THR D 137 28.33 -6.01 37.50
CA THR D 137 27.75 -5.89 36.18
C THR D 137 27.00 -7.16 35.77
N VAL D 138 27.54 -8.33 36.15
CA VAL D 138 26.86 -9.59 35.84
C VAL D 138 25.41 -9.53 36.30
N TRP D 139 25.19 -9.13 37.55
CA TRP D 139 23.83 -9.00 38.06
C TRP D 139 23.08 -7.88 37.34
N LYS D 140 23.78 -6.82 36.93
CA LYS D 140 23.11 -5.72 36.24
C LYS D 140 22.47 -6.19 34.94
N TYR D 141 23.15 -7.06 34.20
CA TYR D 141 22.59 -7.62 32.97
C TYR D 141 21.74 -8.84 33.25
N PHE D 142 22.18 -9.73 34.15
CA PHE D 142 21.45 -10.95 34.42
C PHE D 142 20.04 -10.66 34.91
N VAL D 143 19.88 -9.66 35.79
CA VAL D 143 18.55 -9.31 36.28
C VAL D 143 17.63 -8.98 35.11
N GLN D 144 18.15 -8.29 34.10
CA GLN D 144 17.35 -8.00 32.92
C GLN D 144 16.95 -9.28 32.19
N LEU D 145 17.86 -10.25 32.13
CA LEU D 145 17.58 -11.48 31.41
C LEU D 145 16.42 -12.24 32.03
N CYS D 146 16.41 -12.36 33.35
CA CYS D 146 15.36 -13.12 34.02
C CYS D 146 14.02 -12.40 33.92
N SER D 147 14.02 -11.07 34.00
CA SER D 147 12.78 -10.32 33.92
C SER D 147 12.01 -10.68 32.65
N ALA D 148 12.71 -10.72 31.51
CA ALA D 148 12.06 -11.14 30.27
C ALA D 148 11.58 -12.59 30.36
N LEU D 149 12.41 -13.47 30.91
CA LEU D 149 12.02 -14.87 31.05
C LEU D 149 10.82 -15.01 31.97
N GLU D 150 10.78 -14.21 33.04
CA GLU D 150 9.61 -14.25 33.92
C GLU D 150 8.35 -13.83 33.19
N HIS D 151 8.45 -12.83 32.31
CA HIS D 151 7.30 -12.41 31.52
C HIS D 151 6.80 -13.55 30.66
N MET D 152 7.70 -14.23 29.95
CA MET D 152 7.31 -15.33 29.07
C MET D 152 6.68 -16.46 29.86
N HIS D 153 7.43 -17.02 30.82
CA HIS D 153 6.94 -18.16 31.59
C HIS D 153 5.61 -17.85 32.25
N SER D 154 5.42 -16.61 32.69
CA SER D 154 4.11 -16.20 33.21
C SER D 154 3.04 -16.36 32.14
N ARG D 155 3.39 -16.11 30.88
CA ARG D 155 2.46 -16.26 29.77
C ARG D 155 2.49 -17.67 29.17
N ARG D 156 3.13 -18.62 29.85
CA ARG D 156 3.18 -20.01 29.39
C ARG D 156 3.93 -20.12 28.07
N VAL D 157 5.12 -19.52 28.03
CA VAL D 157 6.00 -19.57 26.86
C VAL D 157 7.41 -19.84 27.34
N MET D 158 8.10 -20.77 26.68
CA MET D 158 9.48 -21.11 26.99
C MET D 158 10.34 -20.81 25.76
N HIS D 159 11.48 -20.16 25.98
CA HIS D 159 12.28 -19.67 24.86
C HIS D 159 12.95 -20.79 24.08
N ARG D 160 13.33 -21.87 24.76
CA ARG D 160 13.96 -23.03 24.13
C ARG D 160 15.41 -22.73 23.72
N ASP D 161 15.64 -21.61 23.04
CA ASP D 161 16.97 -21.22 22.57
C ASP D 161 17.44 -20.02 23.40
N ILE D 162 18.23 -20.29 24.44
CA ILE D 162 18.83 -19.26 25.27
C ILE D 162 20.31 -19.52 25.32
N LYS D 163 21.11 -18.53 24.90
CA LYS D 163 22.56 -18.66 24.89
C LYS D 163 23.15 -17.26 24.77
N PRO D 164 24.45 -17.11 25.04
CA PRO D 164 25.06 -15.78 24.90
C PRO D 164 24.96 -15.22 23.50
N ALA D 165 25.07 -16.08 22.48
CA ALA D 165 24.98 -15.62 21.10
C ALA D 165 23.60 -15.07 20.76
N ASN D 166 22.59 -15.37 21.58
CA ASN D 166 21.22 -14.94 21.31
C ASN D 166 20.77 -13.84 22.27
N VAL D 167 21.67 -13.27 23.07
CA VAL D 167 21.36 -12.21 24.00
C VAL D 167 22.24 -11.02 23.65
N PHE D 168 21.62 -9.88 23.36
CA PHE D 168 22.34 -8.66 23.03
C PHE D 168 21.71 -7.50 23.77
N ILE D 169 22.27 -6.30 23.58
CA ILE D 169 21.89 -5.11 24.31
C ILE D 169 21.63 -3.99 23.31
N THR D 170 21.14 -2.87 23.83
CA THR D 170 21.04 -1.63 23.08
C THR D 170 22.11 -0.66 23.58
N ALA D 171 22.40 0.35 22.76
CA ALA D 171 23.39 1.35 23.15
C ALA D 171 23.07 1.94 24.52
N THR D 172 21.78 1.97 24.90
CA THR D 172 21.41 2.52 26.20
C THR D 172 21.89 1.62 27.33
N GLY D 173 21.95 0.31 27.11
CA GLY D 173 22.38 -0.63 28.14
C GLY D 173 21.34 -1.68 28.49
N VAL D 174 20.15 -1.65 27.90
CA VAL D 174 19.12 -2.64 28.19
C VAL D 174 19.34 -3.87 27.31
N VAL D 175 19.29 -5.05 27.91
CA VAL D 175 19.57 -6.29 27.21
C VAL D 175 18.27 -6.84 26.63
N LYS D 176 18.33 -7.30 25.39
CA LYS D 176 17.18 -7.86 24.70
C LYS D 176 17.40 -9.34 24.43
N LEU D 177 16.30 -10.10 24.46
CA LEU D 177 16.31 -11.53 24.22
C LEU D 177 15.43 -11.83 23.02
N GLY D 178 15.99 -12.52 22.03
CA GLY D 178 15.27 -12.78 20.79
C GLY D 178 15.53 -14.15 20.19
N ASP D 179 14.48 -14.96 20.10
CA ASP D 179 14.58 -16.28 19.50
C ASP D 179 14.67 -16.16 17.97
N THR D 199 23.64 -29.33 17.08
CA THR D 199 23.88 -29.25 18.52
C THR D 199 23.55 -27.86 19.06
N PRO D 200 22.64 -27.78 20.03
CA PRO D 200 22.40 -26.49 20.68
C PRO D 200 23.51 -26.17 21.66
N TYR D 201 23.76 -24.87 21.83
CA TYR D 201 24.87 -24.44 22.67
C TYR D 201 24.80 -25.06 24.06
N TYR D 202 23.58 -25.27 24.57
CA TYR D 202 23.37 -25.89 25.88
C TYR D 202 22.37 -27.02 25.71
N MET D 203 22.84 -28.25 25.78
CA MET D 203 22.00 -29.44 25.67
C MET D 203 21.44 -29.76 27.06
N SER D 204 20.16 -29.49 27.26
CA SER D 204 19.55 -29.74 28.57
C SER D 204 19.61 -31.23 28.88
N PRO D 205 19.81 -31.61 30.14
CA PRO D 205 19.82 -33.04 30.47
C PRO D 205 18.51 -33.74 30.16
N GLU D 206 17.38 -33.03 30.27
CA GLU D 206 16.11 -33.62 29.86
C GLU D 206 16.05 -33.82 28.35
N ARG D 207 16.73 -32.95 27.59
CA ARG D 207 16.83 -33.16 26.15
C ARG D 207 17.67 -34.39 25.82
N ILE D 208 18.66 -34.71 26.66
CA ILE D 208 19.57 -35.81 26.37
C ILE D 208 18.78 -37.10 26.17
N HIS D 209 17.99 -37.48 27.17
CA HIS D 209 17.25 -38.74 27.15
C HIS D 209 15.90 -38.61 26.44
N GLU D 210 15.77 -37.66 25.51
CA GLU D 210 14.55 -37.51 24.73
C GLU D 210 13.31 -37.30 25.61
N ASN D 211 13.50 -36.77 26.82
CA ASN D 211 12.37 -36.49 27.70
C ASN D 211 11.63 -35.23 27.29
N GLY D 212 12.21 -34.38 26.45
CA GLY D 212 11.51 -33.23 25.93
C GLY D 212 11.75 -31.95 26.71
N TYR D 213 11.82 -30.82 26.00
CA TYR D 213 12.00 -29.54 26.64
C TYR D 213 10.81 -29.22 27.53
N ASN D 214 11.08 -28.53 28.64
CA ASN D 214 10.04 -28.14 29.58
C ASN D 214 10.40 -26.80 30.19
N PHE D 215 9.47 -26.23 30.95
CA PHE D 215 9.69 -24.92 31.56
C PHE D 215 10.98 -24.88 32.35
N LYS D 216 11.26 -25.93 33.14
CA LYS D 216 12.48 -25.97 33.92
C LYS D 216 13.73 -26.05 33.05
N SER D 217 13.60 -26.53 31.82
CA SER D 217 14.77 -26.61 30.94
C SER D 217 15.30 -25.23 30.58
N ASP D 218 14.44 -24.21 30.56
CA ASP D 218 14.89 -22.85 30.32
C ASP D 218 15.86 -22.40 31.42
N ILE D 219 15.58 -22.79 32.66
CA ILE D 219 16.44 -22.39 33.77
C ILE D 219 17.85 -22.98 33.58
N TRP D 220 17.94 -24.21 33.09
CA TRP D 220 19.23 -24.82 32.81
C TRP D 220 20.06 -23.91 31.91
N SER D 221 19.51 -23.57 30.73
CA SER D 221 20.21 -22.66 29.82
C SER D 221 20.55 -21.35 30.53
N LEU D 222 19.66 -20.87 31.40
CA LEU D 222 19.94 -19.63 32.12
C LEU D 222 21.08 -19.81 33.10
N GLY D 223 21.14 -20.96 33.78
CA GLY D 223 22.25 -21.22 34.68
C GLY D 223 23.59 -21.27 33.96
N CYS D 224 23.63 -21.95 32.82
CA CYS D 224 24.87 -21.99 32.04
C CYS D 224 25.26 -20.60 31.55
N LEU D 225 24.27 -19.81 31.14
CA LEU D 225 24.54 -18.43 30.73
C LEU D 225 25.20 -17.65 31.87
N LEU D 226 24.62 -17.73 33.07
CA LEU D 226 25.23 -17.07 34.22
C LEU D 226 26.66 -17.55 34.45
N TYR D 227 26.89 -18.85 34.32
CA TYR D 227 28.24 -19.39 34.49
C TYR D 227 29.19 -18.78 33.47
N GLU D 228 28.76 -18.71 32.20
CA GLU D 228 29.65 -18.26 31.15
C GLU D 228 30.14 -16.84 31.40
N MET D 229 29.26 -15.95 31.87
CA MET D 229 29.69 -14.60 32.19
C MET D 229 30.79 -14.61 33.24
N ALA D 230 30.59 -15.38 34.31
CA ALA D 230 31.55 -15.38 35.41
C ALA D 230 32.88 -15.97 34.98
N ALA D 231 32.85 -17.11 34.28
CA ALA D 231 34.07 -17.82 33.92
C ALA D 231 34.50 -17.59 32.48
N LEU D 232 33.65 -16.97 31.65
CA LEU D 232 33.96 -16.65 30.26
C LEU D 232 34.06 -17.90 29.37
N GLN D 233 33.62 -19.05 29.86
CA GLN D 233 33.61 -20.27 29.07
C GLN D 233 32.37 -21.07 29.44
N SER D 234 31.85 -21.80 28.46
CA SER D 234 30.75 -22.72 28.75
C SER D 234 31.17 -23.70 29.83
N PRO D 235 30.30 -24.02 30.79
CA PRO D 235 30.68 -24.96 31.84
C PRO D 235 31.05 -26.34 31.30
N PHE D 236 30.65 -26.65 30.08
CA PHE D 236 30.92 -27.95 29.45
C PHE D 236 31.62 -27.68 28.12
N TYR D 237 32.95 -27.68 28.14
CA TYR D 237 33.76 -27.42 26.96
C TYR D 237 34.76 -28.56 26.77
N GLY D 238 34.87 -29.05 25.54
CA GLY D 238 35.83 -30.08 25.21
C GLY D 238 36.78 -29.63 24.12
N ASP D 239 38.08 -29.81 24.35
CA ASP D 239 39.07 -29.40 23.35
C ASP D 239 38.78 -30.06 22.01
N LYS D 240 38.70 -31.39 22.00
CA LYS D 240 38.16 -32.15 20.89
C LYS D 240 36.79 -32.67 21.30
N MET D 241 35.79 -32.48 20.44
CA MET D 241 34.44 -32.89 20.76
C MET D 241 34.40 -34.36 21.19
N ASN D 242 33.94 -34.62 22.41
CA ASN D 242 33.85 -35.96 22.94
C ASN D 242 32.43 -36.51 22.95
N LEU D 243 31.49 -35.82 22.28
CA LEU D 243 30.11 -36.25 22.15
C LEU D 243 29.57 -36.94 23.40
N TYR D 244 29.88 -38.23 23.56
CA TYR D 244 29.30 -38.98 24.67
C TYR D 244 29.73 -38.40 26.01
N SER D 245 31.02 -38.11 26.16
CA SER D 245 31.52 -37.59 27.44
C SER D 245 30.75 -36.36 27.88
N LEU D 246 30.28 -35.56 26.92
CA LEU D 246 29.47 -34.39 27.27
C LEU D 246 28.26 -34.79 28.11
N CYS D 247 27.50 -35.78 27.63
CA CYS D 247 26.36 -36.26 28.40
C CYS D 247 26.79 -36.71 29.79
N LYS D 248 27.83 -37.55 29.86
CA LYS D 248 28.30 -38.05 31.15
C LYS D 248 28.64 -36.90 32.09
N LYS D 249 29.36 -35.89 31.59
CA LYS D 249 29.69 -34.73 32.41
C LYS D 249 28.43 -34.01 32.86
N ILE D 250 27.43 -33.91 31.98
CA ILE D 250 26.16 -33.30 32.37
C ILE D 250 25.45 -34.16 33.40
N GLU D 251 25.52 -35.48 33.26
CA GLU D 251 24.83 -36.37 34.19
C GLU D 251 25.35 -36.17 35.61
N GLN D 252 26.67 -36.24 35.79
CA GLN D 252 27.28 -36.12 37.10
C GLN D 252 27.56 -34.67 37.50
N CYS D 253 27.17 -33.71 36.68
CA CYS D 253 27.32 -32.29 37.01
C CYS D 253 28.78 -31.95 37.32
N ASP D 254 29.69 -32.46 36.51
CA ASP D 254 31.13 -32.25 36.69
C ASP D 254 31.58 -31.12 35.78
N TYR D 255 31.74 -29.93 36.35
CA TYR D 255 32.29 -28.79 35.64
C TYR D 255 33.24 -28.05 36.56
N PRO D 256 34.22 -27.34 36.00
CA PRO D 256 35.16 -26.60 36.85
C PRO D 256 34.44 -25.52 37.64
N PRO D 257 34.66 -25.45 38.96
CA PRO D 257 33.97 -24.43 39.76
C PRO D 257 34.43 -23.03 39.38
N LEU D 258 33.71 -22.05 39.91
CA LEU D 258 34.00 -20.66 39.62
C LEU D 258 35.00 -20.11 40.64
N PRO D 259 35.72 -19.04 40.30
CA PRO D 259 36.66 -18.45 41.26
C PRO D 259 35.96 -18.05 42.54
N SER D 260 36.33 -18.71 43.64
CA SER D 260 35.70 -18.44 44.93
C SER D 260 35.95 -17.00 45.37
N ASP D 261 37.15 -16.48 45.12
CA ASP D 261 37.50 -15.15 45.59
C ASP D 261 36.73 -14.07 44.82
N HIS D 262 36.56 -14.24 43.51
CA HIS D 262 35.99 -13.18 42.70
C HIS D 262 34.47 -13.13 42.77
N TYR D 263 33.80 -14.28 42.90
CA TYR D 263 32.35 -14.35 42.79
C TYR D 263 31.74 -14.83 44.10
N SER D 264 30.61 -14.24 44.45
CA SER D 264 29.98 -14.49 45.74
C SER D 264 29.46 -15.92 45.83
N GLU D 265 29.38 -16.42 47.06
CA GLU D 265 28.69 -17.68 47.31
C GLU D 265 27.26 -17.62 46.80
N GLU D 266 26.60 -16.46 46.95
CA GLU D 266 25.26 -16.31 46.43
C GLU D 266 25.21 -16.58 44.94
N LEU D 267 26.17 -16.03 44.19
CA LEU D 267 26.21 -16.27 42.75
C LEU D 267 26.57 -17.72 42.46
N ARG D 268 27.68 -18.20 43.01
CA ARG D 268 28.15 -19.55 42.71
C ARG D 268 27.08 -20.59 43.06
N GLN D 269 26.29 -20.35 44.10
CA GLN D 269 25.27 -21.31 44.49
C GLN D 269 24.08 -21.27 43.54
N LEU D 270 23.78 -20.10 42.97
CA LEU D 270 22.69 -20.02 42.00
C LEU D 270 23.02 -20.80 40.73
N VAL D 271 24.30 -20.88 40.37
CA VAL D 271 24.70 -21.68 39.22
C VAL D 271 24.51 -23.16 39.51
N ASN D 272 25.14 -23.66 40.58
CA ASN D 272 24.93 -25.05 40.99
C ASN D 272 23.44 -25.34 41.15
N MET D 273 22.67 -24.37 41.60
CA MET D 273 21.24 -24.57 41.80
C MET D 273 20.51 -24.82 40.48
N CYS D 274 20.84 -24.04 39.45
CA CYS D 274 20.18 -24.17 38.15
C CYS D 274 20.83 -25.23 37.27
N ILE D 275 22.12 -25.49 37.44
CA ILE D 275 22.79 -26.56 36.71
C ILE D 275 22.60 -27.86 37.51
N ASN D 276 21.35 -28.30 37.63
CA ASN D 276 21.02 -29.52 38.36
C ASN D 276 20.46 -30.53 37.38
N PRO D 277 21.05 -31.73 37.26
CA PRO D 277 20.49 -32.72 36.31
C PRO D 277 19.01 -32.98 36.50
N ASP D 278 18.57 -33.14 37.74
CA ASP D 278 17.16 -33.37 38.02
C ASP D 278 16.37 -32.10 37.81
N PRO D 279 15.43 -32.05 36.86
CA PRO D 279 14.67 -30.80 36.66
C PRO D 279 13.80 -30.42 37.86
N GLU D 280 13.36 -31.39 38.65
CA GLU D 280 12.46 -31.07 39.76
C GLU D 280 13.14 -30.17 40.78
N LYS D 281 14.44 -30.36 40.99
CA LYS D 281 15.15 -29.62 42.03
C LYS D 281 15.47 -28.19 41.65
N ARG D 282 15.41 -27.85 40.37
CA ARG D 282 15.72 -26.50 39.95
C ARG D 282 14.63 -25.54 40.42
N PRO D 283 14.94 -24.25 40.50
CA PRO D 283 13.94 -23.26 40.92
C PRO D 283 13.11 -22.75 39.76
N ASP D 284 11.93 -22.24 40.10
CA ASP D 284 11.09 -21.59 39.12
C ASP D 284 11.70 -20.24 38.72
N VAL D 285 11.32 -19.78 37.53
CA VAL D 285 11.93 -18.56 36.98
C VAL D 285 11.70 -17.37 37.90
N THR D 286 10.61 -17.37 38.65
CA THR D 286 10.31 -16.23 39.51
C THR D 286 11.28 -16.14 40.69
N TYR D 287 11.73 -17.27 41.21
CA TYR D 287 12.66 -17.25 42.33
C TYR D 287 14.02 -16.74 41.89
N VAL D 288 14.57 -17.29 40.81
CA VAL D 288 15.85 -16.81 40.28
C VAL D 288 15.75 -15.32 39.97
N TYR D 289 14.59 -14.86 39.51
CA TYR D 289 14.40 -13.44 39.24
C TYR D 289 14.55 -12.61 40.50
N ASP D 290 13.91 -13.04 41.58
CA ASP D 290 14.01 -12.30 42.84
C ASP D 290 15.44 -12.26 43.35
N VAL D 291 16.19 -13.36 43.17
CA VAL D 291 17.58 -13.39 43.59
C VAL D 291 18.38 -12.32 42.86
N ALA D 292 18.19 -12.21 41.55
CA ALA D 292 18.90 -11.20 40.77
C ALA D 292 18.56 -9.80 41.24
N LYS D 293 17.28 -9.54 41.49
CA LYS D 293 16.87 -8.23 41.99
C LYS D 293 17.55 -7.91 43.31
N ARG D 294 17.39 -8.79 44.30
CA ARG D 294 17.99 -8.56 45.61
C ARG D 294 19.51 -8.43 45.50
N MET D 295 20.14 -9.23 44.66
CA MET D 295 21.59 -9.16 44.52
C MET D 295 22.01 -7.94 43.71
N HIS D 296 21.19 -7.51 42.75
CA HIS D 296 21.55 -6.32 41.97
C HIS D 296 21.54 -5.08 42.84
N ALA D 297 20.55 -4.95 43.73
CA ALA D 297 20.53 -3.82 44.65
C ALA D 297 21.76 -3.82 45.55
N CYS D 298 22.16 -5.00 46.03
CA CYS D 298 23.35 -5.08 46.88
C CYS D 298 24.59 -4.62 46.15
N THR D 299 24.70 -4.95 44.86
CA THR D 299 25.89 -4.62 44.06
C THR D 299 25.57 -3.42 43.19
N ALA D 300 26.19 -2.28 43.52
CA ALA D 300 26.02 -1.06 42.73
C ALA D 300 27.33 -0.28 42.66
C13 F9N E . 1.77 -33.38 -21.05
C15 F9N E . -0.80 -33.32 -20.79
C17 F9N E . 0.51 -35.26 -19.84
C20 F9N E . 5.77 -32.88 -16.19
C22 F9N E . 4.42 -34.11 -15.04
C24 F9N E . 0.31 -37.71 -14.92
C26 F9N E . 0.03 -40.04 -14.42
C28 F9N E . 0.45 -43.88 -13.05
O01 F9N E . 2.67 -41.94 -12.76
S02 F9N E . 1.37 -41.38 -12.38
C03 F9N E . 0.95 -39.93 -13.39
C04 F9N E . 1.54 -38.70 -13.13
C05 F9N E . 1.23 -37.60 -13.89
N06 F9N E . 1.90 -36.37 -13.53
C07 F9N E . 2.72 -35.62 -14.48
N08 F9N E . 2.45 -35.81 -15.78
C09 F9N E . 3.14 -35.16 -16.71
O10 F9N E . 2.92 -35.32 -18.09
C11 F9N E . 2.49 -34.16 -18.77
C12 F9N E . 1.86 -34.60 -20.12
C14 F9N E . 0.51 -32.52 -20.85
C16 F9N E . -0.56 -34.83 -20.84
C18 F9N E . 4.14 -34.29 -16.34
N19 F9N E . 4.98 -33.53 -17.05
N21 F9N E . 5.42 -33.23 -14.95
N23 F9N E . 3.70 -34.77 -14.11
C25 F9N E . -0.30 -38.93 -15.19
N27 F9N E . 0.13 -42.56 -12.52
C29 F9N E . 0.67 -43.74 -14.56
C30 F9N E . -0.24 -44.68 -15.33
N31 F9N E . -1.62 -44.56 -14.89
C32 F9N E . -2.32 -43.57 -15.68
C33 F9N E . -2.28 -45.84 -15.02
O34 F9N E . 1.61 -41.02 -10.99
H1 F9N E . 1.77 -33.69 -21.96
H2 F9N E . 2.54 -32.81 -20.89
H3 F9N E . -1.35 -33.07 -21.53
H4 F9N E . -1.25 -33.11 -19.95
H5 F9N E . 0.21 -35.00 -18.95
H6 F9N E . 0.61 -36.22 -19.87
H7 F9N E . 6.45 -32.27 -16.42
H8 F9N E . 0.09 -36.97 -15.44
H9 F9N E . -0.37 -40.86 -14.60
H10 F9N E . -0.28 -44.49 -12.87
H11 F9N E . 1.26 -44.21 -12.62
H12 F9N E . 2.16 -38.63 -12.43
H13 F9N E . 1.82 -36.07 -12.72
H14 F9N E . 3.25 -33.59 -18.94
H15 F9N E . 1.83 -33.70 -18.25
H16 F9N E . 2.43 -35.25 -20.55
H17 F9N E . 0.61 -32.02 -20.03
H18 F9N E . 0.44 -31.90 -21.59
H19 F9N E . -1.38 -35.29 -20.65
H20 F9N E . -0.26 -35.07 -21.74
H21 F9N E . 5.02 -33.47 -17.91
H23 F9N E . -0.91 -39.01 -15.89
H24 F9N E . -0.67 -42.37 -12.27
H25 F9N E . 1.59 -43.95 -14.76
H26 F9N E . 0.48 -42.82 -14.82
H27 F9N E . -0.19 -44.46 -16.28
H28 F9N E . 0.06 -45.59 -15.21
H30 F9N E . -1.73 -42.80 -15.84
H31 F9N E . -2.57 -43.96 -16.53
H32 F9N E . -3.11 -43.27 -15.21
H33 F9N E . -1.88 -46.48 -14.41
H34 F9N E . -3.22 -45.74 -14.83
H35 F9N E . -2.17 -46.16 -15.93
C13 F9N F . -30.98 19.46 -7.41
C15 F9N F . -31.00 20.60 -9.70
C17 F9N F . -29.63 21.57 -7.71
C20 F9N F . -32.78 19.51 -1.89
C22 F9N F . -31.04 20.66 -1.29
C24 F9N F . -27.07 24.25 -2.50
C26 F9N F . -26.68 26.55 -1.94
C28 F9N F . -24.59 28.24 0.14
O01 F9N F . -28.53 28.40 0.47
S02 F9N F . -27.25 27.70 0.53
C03 F9N F . -27.18 26.33 -0.67
C04 F9N F . -27.62 25.08 -0.31
C05 F9N F . -27.57 24.04 -1.22
N06 F9N F . -28.05 22.75 -0.74
C07 F9N F . -29.19 22.07 -1.34
N08 F9N F . -29.38 22.29 -2.66
C09 F9N F . -30.39 21.71 -3.29
O10 F9N F . -30.69 21.86 -4.65
C11 F9N F . -30.27 20.76 -5.42
C12 F9N F . -30.72 20.88 -6.88
C14 F9N F . -31.58 19.49 -8.81
C16 F9N F . -29.69 21.23 -9.20
C18 F9N F . -31.24 20.87 -2.59
N19 F9N F . -32.31 20.17 -2.97
N21 F9N F . -31.99 19.82 -0.85
N23 F9N F . -30.01 21.25 -0.66
C25 F9N F . -26.63 25.51 -2.86
N27 F9N F . -25.94 28.76 0.27
C29 F9N F . -24.02 28.71 -1.20
C30 F9N F . -22.52 28.39 -1.27
N31 F9N F . -21.81 29.59 -1.70
C32 F9N F . -20.69 29.85 -0.83
C33 F9N F . -21.34 29.40 -3.06
O34 F9N F . -27.26 27.20 1.91
H1 F9N F . -31.59 19.01 -6.81
H2 F9N F . -30.14 18.97 -7.44
H3 F9N F . -30.84 20.23 -10.57
H4 F9N F . -31.66 21.31 -9.76
H5 F9N F . -28.77 21.29 -7.36
H6 F9N F . -29.73 22.53 -7.60
H7 F9N F . -33.52 18.96 -1.87
H8 F9N F . -27.04 23.55 -3.11
H9 F9N F . -26.39 27.40 -2.18
H10 F9N F . -24.61 27.27 0.17
H11 F9N F . -24.04 28.57 0.87
H12 F9N F . -27.95 24.92 0.55
H13 F9N F . -27.65 22.38 -0.06
H14 F9N F . -30.64 19.95 -5.03
H15 F9N F . -29.30 20.71 -5.39
H16 F9N F . -31.53 21.41 -6.92
H17 F9N F . -32.53 19.63 -8.73
H18 F9N F . -31.41 18.64 -9.23
H19 F9N F . -29.54 22.05 -9.69
H20 F9N F . -28.97 20.61 -9.39
H21 F9N F . -32.64 20.13 -3.76
H23 F9N F . -26.29 25.66 -3.71
H24 F9N F . -26.08 29.61 0.20
H25 F9N F . -24.13 29.67 -1.28
H26 F9N F . -24.47 28.26 -1.92
H27 F9N F . -22.20 28.13 -0.39
H28 F9N F . -22.37 27.67 -1.90
H30 F9N F . -21.01 29.99 0.08
H31 F9N F . -20.09 29.08 -0.83
H32 F9N F . -20.21 30.63 -1.13
H33 F9N F . -22.09 29.22 -3.65
H34 F9N F . -20.89 30.21 -3.36
H35 F9N F . -20.72 28.66 -3.10
C13 F9N G . 19.94 25.35 0.48
C15 F9N G . 20.76 27.42 1.64
C17 F9N G . 21.63 26.83 -0.71
C20 F9N G . 17.17 23.49 -4.61
C22 F9N G . 18.53 24.65 -5.82
C24 F9N G . 22.56 28.27 -6.26
C26 F9N G . 24.81 28.60 -7.01
C28 F9N G . 27.96 28.61 -10.52
O01 F9N G . 25.40 26.79 -10.47
S02 F9N G . 25.95 27.30 -9.21
C03 F9N G . 24.61 27.69 -8.03
C04 F9N G . 23.37 27.07 -8.17
C05 F9N G . 22.35 27.35 -7.28
N06 F9N G . 21.11 26.65 -7.54
C07 F9N G . 20.38 25.90 -6.53
N08 F9N G . 20.95 25.76 -5.31
C09 F9N G . 20.31 25.09 -4.35
O10 F9N G . 20.82 24.90 -3.06
C11 F9N G . 20.03 25.42 -2.02
C12 F9N G . 20.87 25.51 -0.72
C14 F9N G . 20.57 25.91 1.74
C16 F9N G . 21.04 27.90 0.21
C18 F9N G . 19.08 24.52 -4.61
N19 F9N G . 18.24 23.79 -3.86
N21 F9N G . 17.35 24.01 -5.82
N23 F9N G . 19.17 25.33 -6.77
C25 F9N G . 23.78 28.89 -6.12
N27 F9N G . 26.96 28.65 -9.46
C29 F9N G . 29.31 28.20 -9.92
C30 F9N G . 29.82 29.32 -9.01
N31 F9N G . 31.17 29.05 -8.56
C32 F9N G . 31.64 30.15 -7.75
C33 F9N G . 31.21 27.81 -7.78
O34 F9N G . 26.72 26.14 -8.76
H1 F9N G . 19.11 25.82 0.30
H2 F9N G . 19.75 24.40 0.61
H3 F9N G . 19.96 27.86 1.96
H4 F9N G . 21.51 27.67 2.20
H5 F9N G . 22.54 26.65 -0.42
H6 F9N G . 21.64 27.18 -1.62
H7 F9N G . 16.43 22.99 -4.34
H8 F9N G . 21.86 28.46 -5.67
H9 F9N G . 25.64 29.01 -6.91
H10 F9N G . 28.04 29.49 -10.92
H11 F9N G . 27.70 27.96 -11.19
H12 F9N G . 23.24 26.46 -8.86
H13 F9N G . 20.79 26.66 -8.34
H14 F9N G . 19.72 26.31 -2.26
H15 F9N G . 19.26 24.85 -1.86
H16 F9N G . 21.51 24.78 -0.71
H17 F9N G . 21.44 25.49 1.87
H18 F9N G . 20.01 25.71 2.51
H19 F9N G . 20.21 28.21 -0.17
H20 F9N G . 21.67 28.64 0.26
H21 F9N G . 18.35 23.57 -3.04
H23 F9N G . 23.92 29.49 -5.44
H24 F9N G . 26.88 29.35 -8.98
H25 F9N G . 29.20 27.38 -9.41
H26 F9N G . 29.95 28.06 -10.64
H27 F9N G . 29.80 30.16 -9.50
H28 F9N G . 29.23 29.38 -8.23
H30 F9N G . 31.52 30.99 -8.22
H31 F9N G . 32.57 30.03 -7.53
H32 F9N G . 31.12 30.18 -6.91
H33 F9N G . 31.26 27.06 -8.39
H34 F9N G . 30.42 27.75 -7.24
H35 F9N G . 32.01 27.83 -7.22
#